data_3T0P
#
_entry.id   3T0P
#
_cell.length_a   127.760
_cell.length_b   95.560
_cell.length_c   84.010
_cell.angle_alpha   90.000
_cell.angle_beta   115.940
_cell.angle_gamma   90.000
#
_symmetry.space_group_name_H-M   'C 1 2 1'
#
loop_
_entity.id
_entity.type
_entity.pdbx_description
1 polymer 'DNA polymerase III, beta subunit'
2 non-polymer R-1,2-PROPANEDIOL
3 non-polymer 'ACETATE ION'
4 non-polymer 1,2-ETHANEDIOL
5 non-polymer 'CHLORIDE ION'
6 water water
#
_entity_poly.entity_id   1
_entity_poly.type   'polypeptide(L)'
_entity_poly.pdbx_seq_one_letter_code
;G(MSE)KLICSKANLLKGVNIVSKAVPTRTT(MSE)AILECILIDASANEIKL(MSE)AND(MSE)ELGIETIIDGTIEE
RGIIALDAKIFSEIVRKLPDNDVTIETDASFKTVISCEKAKFNIIGKSGDDFSYIPYVERNESIVLSQFTLKEVIRQTIF
SIADNDNNKL(MSE)TGELFEIEENKLRVVSLDGHRISIRYIE(MSE)KNHYDSKKVVVPGKTLQEISKIIPGSADEDVV
IYITNNHIVFEFENTTVVSRLIEGEYFKIDQ(MSE)LSSDYDTKVRINKRELLDCIDRATLLVKEGDKKPII(MSE)NIT
DGN(MSE)ELRINSFIGS(MSE)NEDIDIDKDGKDI(MSE)IGFNPKFFIDALRVIDEEEVNLY(MSE)VNPKAPCFIKD
DEGKFIYLILPVNFNTAAN
;
_entity_poly.pdbx_strand_id   A,B
#
loop_
_chem_comp.id
_chem_comp.type
_chem_comp.name
_chem_comp.formula
ACT non-polymer 'ACETATE ION' 'C2 H3 O2 -1'
CL non-polymer 'CHLORIDE ION' 'Cl -1'
EDO non-polymer 1,2-ETHANEDIOL 'C2 H6 O2'
PGR non-polymer R-1,2-PROPANEDIOL 'C3 H8 O2'
#
# COMPACT_ATOMS: atom_id res chain seq x y z
N GLY A 1 -10.26 -21.30 35.63
CA GLY A 1 -9.87 -20.47 34.48
C GLY A 1 -11.02 -20.01 33.60
N MSE A 2 -10.80 -18.90 32.87
CA MSE A 2 -11.72 -18.23 31.95
C MSE A 2 -12.22 -19.11 30.79
O MSE A 2 -11.45 -19.90 30.26
CB MSE A 2 -11.03 -17.01 31.35
CG MSE A 2 -11.98 -16.01 30.75
SE MSE A 2 -11.06 -14.50 29.96
CE MSE A 2 -10.45 -15.48 28.34
N LYS A 3 -13.50 -18.92 30.38
CA LYS A 3 -14.10 -19.59 29.21
C LYS A 3 -15.18 -18.68 28.60
N LEU A 4 -14.97 -18.23 27.34
CA LEU A 4 -15.88 -17.33 26.61
C LEU A 4 -16.19 -17.82 25.24
N ILE A 5 -17.37 -17.46 24.70
CA ILE A 5 -17.82 -17.75 23.32
C ILE A 5 -18.20 -16.41 22.70
N CYS A 6 -17.59 -16.06 21.58
CA CYS A 6 -17.82 -14.78 20.86
C CYS A 6 -17.95 -15.05 19.41
N SER A 7 -18.75 -14.25 18.69
CA SER A 7 -18.75 -14.31 17.23
C SER A 7 -17.43 -13.76 16.78
N LYS A 8 -16.81 -14.36 15.73
CA LYS A 8 -15.51 -13.94 15.22
C LYS A 8 -15.53 -12.47 14.81
N ALA A 9 -16.62 -12.01 14.17
CA ALA A 9 -16.72 -10.63 13.64
C ALA A 9 -16.70 -9.63 14.77
N ASN A 10 -17.35 -9.94 15.87
CA ASN A 10 -17.38 -9.04 17.04
C ASN A 10 -16.01 -8.98 17.69
N LEU A 11 -15.34 -10.12 17.77
CA LEU A 11 -14.02 -10.24 18.38
C LEU A 11 -13.01 -9.54 17.51
N LEU A 12 -13.16 -9.65 16.17
CA LEU A 12 -12.25 -9.01 15.22
C LEU A 12 -12.39 -7.50 15.26
N LYS A 13 -13.62 -7.01 15.25
CA LYS A 13 -13.82 -5.55 15.32
C LYS A 13 -13.18 -5.02 16.62
N GLY A 14 -13.33 -5.74 17.73
CA GLY A 14 -12.79 -5.32 19.01
C GLY A 14 -11.29 -5.30 19.08
N VAL A 15 -10.61 -6.37 18.59
CA VAL A 15 -9.13 -6.43 18.64
C VAL A 15 -8.55 -5.34 17.72
N ASN A 16 -9.22 -5.06 16.59
CA ASN A 16 -8.81 -4.04 15.65
C ASN A 16 -8.95 -2.62 16.23
N ILE A 17 -9.86 -2.43 17.18
CA ILE A 17 -10.02 -1.13 17.82
C ILE A 17 -8.95 -0.95 18.92
N VAL A 18 -8.83 -1.89 19.87
CA VAL A 18 -7.95 -1.76 21.03
C VAL A 18 -6.48 -1.82 20.64
N SER A 19 -6.13 -2.46 19.51
CA SER A 19 -4.77 -2.56 18.99
C SER A 19 -4.11 -1.20 18.76
N LYS A 20 -4.92 -0.15 18.54
CA LYS A 20 -4.40 1.23 18.31
C LYS A 20 -3.75 1.83 19.54
N ALA A 21 -3.93 1.24 20.73
CA ALA A 21 -3.30 1.70 21.99
C ALA A 21 -2.19 0.72 22.43
N VAL A 22 -1.89 -0.30 21.60
CA VAL A 22 -0.83 -1.26 21.90
C VAL A 22 0.45 -0.57 21.47
N PRO A 23 1.36 -0.28 22.42
CA PRO A 23 2.61 0.39 22.04
C PRO A 23 3.41 -0.49 21.09
N THR A 24 3.94 0.12 20.02
CA THR A 24 4.83 -0.48 19.02
C THR A 24 6.05 -1.03 19.74
N ARG A 25 6.61 -0.21 20.65
N ARG A 25 6.62 -0.23 20.65
CA ARG A 25 7.79 -0.51 21.45
CA ARG A 25 7.76 -0.59 21.48
C ARG A 25 7.51 -0.11 22.90
C ARG A 25 7.49 -0.14 22.91
N THR A 26 7.85 -0.98 23.87
CA THR A 26 7.63 -0.70 25.29
C THR A 26 8.74 -1.29 26.19
N THR A 27 8.89 -0.69 27.37
CA THR A 27 9.78 -1.12 28.43
C THR A 27 9.08 -2.16 29.32
N MSE A 28 7.74 -2.29 29.22
CA MSE A 28 6.95 -3.22 30.04
C MSE A 28 6.24 -4.23 29.15
O MSE A 28 5.25 -3.89 28.49
CB MSE A 28 5.92 -2.50 30.94
CG MSE A 28 6.52 -1.58 32.00
SE MSE A 28 5.29 -0.04 32.33
CE MSE A 28 3.84 -1.04 33.36
N ALA A 29 6.74 -5.48 29.15
CA ALA A 29 6.31 -6.63 28.35
C ALA A 29 4.81 -6.80 28.31
N ILE A 30 4.17 -6.60 29.44
CA ILE A 30 2.72 -6.74 29.60
C ILE A 30 1.95 -5.71 28.77
N LEU A 31 2.56 -4.58 28.40
CA LEU A 31 1.83 -3.60 27.63
C LEU A 31 1.77 -3.97 26.14
N GLU A 32 2.46 -5.08 25.70
CA GLU A 32 2.38 -5.61 24.32
C GLU A 32 1.13 -6.46 24.17
N CYS A 33 0.46 -6.68 25.30
CA CYS A 33 -0.71 -7.52 25.37
C CYS A 33 -2.03 -6.76 25.27
N ILE A 34 -3.08 -7.50 24.94
CA ILE A 34 -4.48 -7.10 24.98
C ILE A 34 -5.05 -7.82 26.19
N LEU A 35 -5.71 -7.08 27.05
CA LEU A 35 -6.33 -7.66 28.21
C LEU A 35 -7.76 -8.08 27.88
N ILE A 36 -8.10 -9.35 28.19
CA ILE A 36 -9.48 -9.82 28.07
C ILE A 36 -10.01 -9.85 29.51
N ASP A 37 -10.91 -8.94 29.84
CA ASP A 37 -11.51 -8.89 31.17
C ASP A 37 -12.96 -9.35 31.08
N ALA A 38 -13.20 -10.57 31.54
CA ALA A 38 -14.52 -11.17 31.60
C ALA A 38 -14.83 -11.55 33.07
N SER A 39 -14.39 -10.72 34.03
CA SER A 39 -14.57 -10.99 35.47
C SER A 39 -15.98 -10.65 35.95
N ALA A 40 -16.67 -9.72 35.29
CA ALA A 40 -18.03 -9.31 35.70
C ALA A 40 -19.09 -9.95 34.77
N ASN A 41 -19.95 -9.11 34.12
CA ASN A 41 -21.01 -9.60 33.24
C ASN A 41 -20.81 -9.16 31.80
N GLU A 42 -19.67 -8.53 31.50
CA GLU A 42 -19.37 -8.07 30.16
C GLU A 42 -18.01 -8.57 29.71
N ILE A 43 -17.85 -8.78 28.40
CA ILE A 43 -16.54 -9.13 27.85
C ILE A 43 -15.91 -7.84 27.41
N LYS A 44 -14.82 -7.48 28.08
CA LYS A 44 -14.11 -6.25 27.82
C LYS A 44 -12.71 -6.51 27.31
N LEU A 45 -12.36 -5.88 26.18
CA LEU A 45 -11.01 -5.91 25.63
C LEU A 45 -10.35 -4.63 26.03
N MSE A 46 -9.07 -4.66 26.37
CA MSE A 46 -8.38 -3.45 26.81
C MSE A 46 -6.91 -3.46 26.38
O MSE A 46 -6.25 -4.49 26.43
CB MSE A 46 -8.49 -3.35 28.33
CG MSE A 46 -8.11 -2.00 28.90
SE MSE A 46 -8.25 -1.95 30.87
CE MSE A 46 -10.06 -2.88 31.10
N ALA A 47 -6.42 -2.29 25.97
CA ALA A 47 -5.03 -2.04 25.67
C ALA A 47 -4.65 -0.70 26.24
N ASN A 48 -3.40 -0.58 26.69
CA ASN A 48 -2.89 0.63 27.32
C ASN A 48 -1.40 0.81 27.09
N ASP A 49 -0.96 2.07 26.91
CA ASP A 49 0.46 2.33 26.79
C ASP A 49 0.96 3.33 27.88
N MSE A 50 0.12 3.65 28.90
CA MSE A 50 0.31 4.58 30.04
C MSE A 50 -0.15 6.02 29.69
O MSE A 50 -0.48 6.77 30.61
CB MSE A 50 1.75 4.63 30.61
CG MSE A 50 2.36 3.27 30.95
SE MSE A 50 1.29 2.28 32.24
CE MSE A 50 2.50 2.56 33.77
N GLU A 51 -0.15 6.39 28.42
CA GLU A 51 -0.62 7.71 27.99
C GLU A 51 -2.03 7.59 27.38
N LEU A 52 -2.22 6.58 26.54
CA LEU A 52 -3.43 6.29 25.81
C LEU A 52 -3.91 4.88 26.13
N GLY A 53 -5.19 4.78 26.47
CA GLY A 53 -5.85 3.52 26.76
C GLY A 53 -7.13 3.43 25.97
N ILE A 54 -7.44 2.22 25.49
CA ILE A 54 -8.64 1.93 24.72
C ILE A 54 -9.28 0.68 25.31
N GLU A 55 -10.58 0.80 25.54
CA GLU A 55 -11.49 -0.19 26.10
C GLU A 55 -12.64 -0.43 25.13
N THR A 56 -13.07 -1.68 24.91
CA THR A 56 -14.19 -1.98 24.02
C THR A 56 -14.94 -3.21 24.59
N ILE A 57 -16.27 -3.24 24.41
CA ILE A 57 -17.15 -4.30 24.90
C ILE A 57 -17.47 -5.21 23.73
N ILE A 58 -17.23 -6.52 23.92
CA ILE A 58 -17.50 -7.56 22.92
C ILE A 58 -18.77 -8.30 23.32
N ASP A 59 -19.71 -8.46 22.36
CA ASP A 59 -20.89 -9.28 22.61
C ASP A 59 -20.44 -10.73 22.63
N GLY A 60 -20.94 -11.47 23.60
CA GLY A 60 -20.62 -12.87 23.73
C GLY A 60 -21.14 -13.47 25.00
N THR A 61 -20.81 -14.73 25.23
CA THR A 61 -21.24 -15.49 26.39
C THR A 61 -20.06 -15.78 27.28
N ILE A 62 -20.20 -15.48 28.59
CA ILE A 62 -19.22 -15.80 29.61
C ILE A 62 -19.68 -17.11 30.25
N GLU A 63 -18.93 -18.18 30.04
CA GLU A 63 -19.24 -19.49 30.57
C GLU A 63 -18.57 -19.65 31.92
N GLU A 64 -17.37 -19.08 32.06
CA GLU A 64 -16.53 -19.09 33.26
C GLU A 64 -15.79 -17.76 33.28
N ARG A 65 -16.05 -16.95 34.34
CA ARG A 65 -15.47 -15.63 34.54
C ARG A 65 -13.95 -15.70 34.66
N GLY A 66 -13.27 -14.66 34.18
CA GLY A 66 -11.82 -14.65 34.25
C GLY A 66 -11.18 -13.51 33.50
N ILE A 67 -9.87 -13.39 33.69
CA ILE A 67 -9.03 -12.38 33.09
C ILE A 67 -7.76 -13.04 32.54
N ILE A 68 -7.32 -12.61 31.36
CA ILE A 68 -6.08 -13.05 30.73
C ILE A 68 -5.53 -11.89 29.88
N ALA A 69 -4.20 -11.82 29.74
CA ALA A 69 -3.50 -10.93 28.83
C ALA A 69 -2.88 -11.79 27.73
N LEU A 70 -3.15 -11.46 26.47
CA LEU A 70 -2.62 -12.19 25.34
C LEU A 70 -1.82 -11.26 24.49
N ASP A 71 -0.73 -11.74 23.87
CA ASP A 71 0.08 -10.93 22.97
C ASP A 71 -0.82 -10.34 21.91
N ALA A 72 -0.85 -9.02 21.79
CA ALA A 72 -1.73 -8.33 20.85
C ALA A 72 -1.52 -8.78 19.39
N LYS A 73 -0.26 -8.95 18.96
CA LYS A 73 0.03 -9.36 17.58
C LYS A 73 -0.48 -10.77 17.29
N ILE A 74 -0.13 -11.75 18.14
CA ILE A 74 -0.56 -13.14 17.93
C ILE A 74 -2.09 -13.26 18.02
N PHE A 75 -2.72 -12.65 19.06
CA PHE A 75 -4.15 -12.76 19.26
C PHE A 75 -4.93 -12.12 18.09
N SER A 76 -4.53 -10.93 17.63
CA SER A 76 -5.21 -10.28 16.50
C SER A 76 -5.06 -11.13 15.21
N GLU A 77 -3.86 -11.64 14.94
CA GLU A 77 -3.61 -12.44 13.72
C GLU A 77 -4.44 -13.74 13.78
N ILE A 78 -4.59 -14.34 14.99
CA ILE A 78 -5.39 -15.54 15.16
C ILE A 78 -6.84 -15.22 14.80
N VAL A 79 -7.41 -14.18 15.44
CA VAL A 79 -8.82 -13.79 15.30
C VAL A 79 -9.14 -13.44 13.85
N ARG A 80 -8.26 -12.70 13.19
N ARG A 80 -8.30 -12.69 13.20
CA ARG A 80 -8.36 -12.28 11.78
CA ARG A 80 -8.51 -12.33 11.80
C ARG A 80 -8.36 -13.45 10.80
C ARG A 80 -8.56 -13.59 10.91
N LYS A 81 -7.64 -14.55 11.12
CA LYS A 81 -7.53 -15.73 10.26
C LYS A 81 -8.46 -16.88 10.63
N LEU A 82 -9.22 -16.78 11.73
CA LEU A 82 -10.13 -17.87 12.09
C LEU A 82 -11.33 -17.89 11.16
N PRO A 83 -12.04 -19.04 11.01
CA PRO A 83 -13.28 -19.05 10.22
C PRO A 83 -14.34 -18.12 10.83
N ASP A 84 -15.36 -17.75 10.04
CA ASP A 84 -16.42 -16.83 10.46
C ASP A 84 -17.49 -17.57 11.17
N ASN A 85 -17.18 -18.01 12.38
CA ASN A 85 -18.04 -18.78 13.24
C ASN A 85 -17.79 -18.36 14.69
N ASP A 86 -18.35 -19.09 15.67
CA ASP A 86 -18.14 -18.72 17.06
C ASP A 86 -16.76 -19.13 17.50
N VAL A 87 -16.10 -18.24 18.21
CA VAL A 87 -14.77 -18.45 18.73
C VAL A 87 -14.86 -18.72 20.21
N THR A 88 -14.27 -19.83 20.66
CA THR A 88 -14.19 -20.10 22.08
C THR A 88 -12.76 -19.78 22.53
N ILE A 89 -12.68 -19.10 23.66
CA ILE A 89 -11.43 -18.77 24.34
C ILE A 89 -11.49 -19.43 25.71
N GLU A 90 -10.54 -20.32 25.99
CA GLU A 90 -10.43 -21.02 27.26
C GLU A 90 -9.02 -20.94 27.79
N THR A 91 -8.88 -20.57 29.08
CA THR A 91 -7.59 -20.51 29.76
C THR A 91 -7.59 -21.44 30.99
N ASP A 92 -6.40 -21.82 31.48
CA ASP A 92 -6.27 -22.60 32.73
C ASP A 92 -5.45 -21.74 33.73
N ALA A 93 -5.17 -22.27 34.93
CA ALA A 93 -4.44 -21.54 35.98
C ALA A 93 -2.97 -21.29 35.62
N SER A 94 -2.40 -22.08 34.69
CA SER A 94 -1.02 -21.95 34.22
C SER A 94 -0.91 -20.96 33.04
N PHE A 95 -2.05 -20.34 32.68
CA PHE A 95 -2.23 -19.32 31.62
C PHE A 95 -2.14 -19.91 30.22
N LYS A 96 -2.25 -21.25 30.10
CA LYS A 96 -2.34 -21.91 28.79
C LYS A 96 -3.69 -21.52 28.21
N THR A 97 -3.70 -21.04 26.98
CA THR A 97 -4.90 -20.56 26.33
C THR A 97 -5.18 -21.35 25.06
N VAL A 98 -6.44 -21.78 24.94
CA VAL A 98 -6.95 -22.46 23.75
C VAL A 98 -7.97 -21.54 23.10
N ILE A 99 -7.77 -21.25 21.84
CA ILE A 99 -8.66 -20.45 21.00
C ILE A 99 -9.15 -21.42 19.95
N SER A 100 -10.45 -21.69 19.93
CA SER A 100 -11.00 -22.67 19.00
C SER A 100 -12.19 -22.11 18.22
N CYS A 101 -12.35 -22.59 16.98
CA CYS A 101 -13.39 -22.16 16.07
C CYS A 101 -13.58 -23.22 15.02
N GLU A 102 -14.82 -23.75 14.86
CA GLU A 102 -15.15 -24.80 13.89
C GLU A 102 -14.28 -26.00 14.23
N LYS A 103 -13.42 -26.45 13.28
CA LYS A 103 -12.54 -27.60 13.51
C LYS A 103 -11.06 -27.16 13.71
N ALA A 104 -10.83 -25.88 13.96
CA ALA A 104 -9.50 -25.32 14.16
C ALA A 104 -9.28 -24.96 15.63
N LYS A 105 -8.04 -25.13 16.09
CA LYS A 105 -7.68 -24.93 17.48
C LYS A 105 -6.25 -24.38 17.58
N PHE A 106 -6.05 -23.32 18.38
CA PHE A 106 -4.74 -22.73 18.64
C PHE A 106 -4.40 -22.86 20.10
N ASN A 107 -3.15 -23.23 20.40
CA ASN A 107 -2.72 -23.30 21.81
C ASN A 107 -1.61 -22.30 21.99
N ILE A 108 -1.84 -21.34 22.85
CA ILE A 108 -0.87 -20.27 23.11
C ILE A 108 -0.75 -20.10 24.63
N ILE A 109 0.16 -19.24 25.08
CA ILE A 109 0.32 -18.97 26.50
C ILE A 109 0.07 -17.51 26.75
N GLY A 110 -0.78 -17.25 27.71
CA GLY A 110 -1.13 -15.91 28.14
C GLY A 110 -0.33 -15.50 29.36
N LYS A 111 -0.67 -14.36 29.90
CA LYS A 111 -0.06 -13.78 31.09
C LYS A 111 -1.15 -13.42 32.05
N SER A 112 -0.80 -13.30 33.34
CA SER A 112 -1.75 -12.84 34.35
C SER A 112 -2.14 -11.40 34.07
N GLY A 113 -3.41 -11.08 34.27
CA GLY A 113 -3.91 -9.72 34.11
C GLY A 113 -3.51 -8.80 35.26
N ASP A 114 -3.03 -9.41 36.38
CA ASP A 114 -2.60 -8.71 37.60
C ASP A 114 -1.40 -7.77 37.37
N ASP A 115 -0.61 -8.04 36.31
CA ASP A 115 0.55 -7.23 35.94
CA ASP A 115 0.54 -7.18 36.01
C ASP A 115 0.11 -6.03 35.08
N PHE A 116 -1.09 -6.12 34.49
CA PHE A 116 -1.60 -5.09 33.58
C PHE A 116 -2.01 -3.83 34.29
N SER A 117 -1.67 -2.70 33.66
CA SER A 117 -2.03 -1.37 34.16
C SER A 117 -3.36 -0.98 33.55
N TYR A 118 -4.43 -1.05 34.33
CA TYR A 118 -5.78 -0.74 33.86
C TYR A 118 -5.96 0.73 33.59
N ILE A 119 -6.91 1.05 32.70
CA ILE A 119 -7.26 2.43 32.41
C ILE A 119 -7.80 3.02 33.71
N PRO A 120 -7.28 4.19 34.19
CA PRO A 120 -7.79 4.74 35.44
C PRO A 120 -9.24 5.19 35.35
N TYR A 121 -9.92 5.29 36.49
CA TYR A 121 -11.26 5.81 36.55
C TYR A 121 -11.17 7.31 36.32
N VAL A 122 -12.06 7.85 35.48
CA VAL A 122 -12.09 9.29 35.17
C VAL A 122 -13.52 9.74 35.39
N GLU A 123 -13.67 10.73 36.27
CA GLU A 123 -14.96 11.33 36.62
CA GLU A 123 -14.94 11.35 36.63
C GLU A 123 -15.56 12.00 35.38
N ARG A 124 -16.81 11.66 35.06
CA ARG A 124 -17.52 12.20 33.89
C ARG A 124 -18.37 13.40 34.30
N ASN A 125 -17.89 14.61 34.05
CA ASN A 125 -18.61 15.84 34.39
C ASN A 125 -19.37 16.32 33.15
N GLU A 126 -19.05 17.53 32.67
CA GLU A 126 -19.61 18.13 31.47
C GLU A 126 -19.16 17.34 30.25
N SER A 127 -20.11 17.02 29.35
CA SER A 127 -19.90 16.28 28.11
C SER A 127 -19.98 17.20 26.91
N ILE A 128 -19.15 16.95 25.91
CA ILE A 128 -19.11 17.68 24.65
C ILE A 128 -19.48 16.67 23.55
N VAL A 129 -20.45 17.01 22.70
CA VAL A 129 -20.81 16.10 21.59
C VAL A 129 -20.35 16.68 20.23
N LEU A 130 -19.66 15.87 19.45
CA LEU A 130 -19.25 16.18 18.08
C LEU A 130 -19.60 14.97 17.23
N SER A 131 -19.88 15.19 15.93
CA SER A 131 -20.07 14.03 15.07
C SER A 131 -18.72 13.38 14.85
N GLN A 132 -18.73 12.10 14.53
CA GLN A 132 -17.54 11.37 14.21
C GLN A 132 -16.81 12.08 13.05
N PHE A 133 -17.60 12.55 12.07
CA PHE A 133 -17.12 13.29 10.90
C PHE A 133 -16.33 14.54 11.31
N THR A 134 -16.94 15.37 12.16
CA THR A 134 -16.35 16.63 12.59
C THR A 134 -15.04 16.38 13.32
N LEU A 135 -15.00 15.39 14.23
CA LEU A 135 -13.79 15.11 14.98
C LEU A 135 -12.70 14.56 14.06
N LYS A 136 -13.07 13.68 13.12
CA LYS A 136 -12.10 13.08 12.22
C LYS A 136 -11.53 14.14 11.26
N GLU A 137 -12.38 15.02 10.78
CA GLU A 137 -11.97 16.08 9.88
C GLU A 137 -11.13 17.13 10.58
N VAL A 138 -11.51 17.59 11.81
CA VAL A 138 -10.72 18.62 12.48
C VAL A 138 -9.29 18.11 12.79
N ILE A 139 -9.12 16.80 13.06
CA ILE A 139 -7.79 16.24 13.30
C ILE A 139 -7.03 16.24 11.96
N ARG A 140 -7.68 15.80 10.87
CA ARG A 140 -7.04 15.75 9.56
C ARG A 140 -6.55 17.17 9.14
N GLN A 141 -7.35 18.18 9.47
CA GLN A 141 -7.14 19.58 9.13
C GLN A 141 -6.08 20.28 9.97
N THR A 142 -5.52 19.60 11.01
CA THR A 142 -4.53 20.24 11.90
C THR A 142 -3.36 19.37 12.29
N ILE A 143 -3.53 18.04 12.35
CA ILE A 143 -2.51 17.10 12.86
C ILE A 143 -1.15 17.18 12.15
N PHE A 144 -1.11 17.55 10.86
CA PHE A 144 0.12 17.60 10.06
C PHE A 144 1.14 18.64 10.56
N SER A 145 0.73 19.64 11.36
CA SER A 145 1.68 20.68 11.76
C SER A 145 2.08 20.64 13.24
N ILE A 146 1.97 19.46 13.90
CA ILE A 146 2.50 19.24 15.24
C ILE A 146 4.01 19.00 15.04
N ALA A 147 4.86 19.21 16.07
CA ALA A 147 6.29 19.00 15.88
C ALA A 147 6.62 17.52 15.64
N ASP A 148 7.59 17.26 14.73
CA ASP A 148 8.05 15.91 14.34
C ASP A 148 9.16 15.39 15.30
N ASN A 149 9.48 16.17 16.37
CA ASN A 149 10.49 15.81 17.40
C ASN A 149 9.94 16.14 18.80
N ASP A 150 10.63 15.68 19.87
CA ASP A 150 10.17 15.89 21.25
C ASP A 150 10.90 17.05 21.99
N ASN A 151 11.56 17.97 21.26
CA ASN A 151 12.28 19.11 21.85
C ASN A 151 11.37 19.95 22.78
N ASN A 152 10.08 20.08 22.40
CA ASN A 152 9.04 20.80 23.16
C ASN A 152 7.80 19.90 23.21
N LYS A 153 7.44 19.44 24.41
CA LYS A 153 6.33 18.51 24.62
C LYS A 153 4.97 19.10 24.17
N LEU A 154 4.70 20.37 24.45
CA LEU A 154 3.47 21.03 24.05
C LEU A 154 3.26 21.08 22.53
N MSE A 155 4.35 21.26 21.76
CA MSE A 155 4.30 21.28 20.29
C MSE A 155 3.95 19.92 19.69
O MSE A 155 3.54 19.87 18.54
CB MSE A 155 5.63 21.72 19.71
CG MSE A 155 5.85 23.19 19.78
SE MSE A 155 7.39 23.74 18.75
CE MSE A 155 7.48 25.54 19.43
N THR A 156 4.11 18.82 20.47
CA THR A 156 3.78 17.46 20.02
C THR A 156 2.27 17.18 20.19
N GLY A 157 1.55 18.07 20.87
CA GLY A 157 0.13 17.94 21.04
C GLY A 157 -0.67 19.00 20.29
N GLU A 158 -2.00 18.93 20.43
CA GLU A 158 -2.90 19.92 19.85
C GLU A 158 -3.69 20.57 20.94
N LEU A 159 -3.76 21.91 20.90
CA LEU A 159 -4.58 22.65 21.82
C LEU A 159 -6.06 22.46 21.46
N PHE A 160 -6.89 22.16 22.47
CA PHE A 160 -8.34 22.07 22.36
C PHE A 160 -8.90 23.16 23.26
N GLU A 161 -9.55 24.17 22.68
CA GLU A 161 -10.10 25.30 23.44
C GLU A 161 -11.59 25.51 23.16
N ILE A 162 -12.39 25.55 24.24
CA ILE A 162 -13.82 25.76 24.20
C ILE A 162 -14.16 27.01 24.98
N GLU A 163 -15.00 27.89 24.38
CA GLU A 163 -15.56 29.13 24.93
C GLU A 163 -16.97 29.22 24.39
N GLU A 164 -17.96 29.19 25.29
CA GLU A 164 -19.41 29.21 24.97
C GLU A 164 -19.73 28.11 23.95
N ASN A 165 -20.04 28.47 22.68
CA ASN A 165 -20.38 27.47 21.65
C ASN A 165 -19.30 27.35 20.54
N LYS A 166 -18.06 27.76 20.85
CA LYS A 166 -16.98 27.72 19.90
C LYS A 166 -15.85 26.82 20.39
N LEU A 167 -15.40 25.94 19.50
CA LEU A 167 -14.28 25.07 19.72
C LEU A 167 -13.17 25.51 18.78
N ARG A 168 -11.95 25.67 19.32
CA ARG A 168 -10.81 25.97 18.46
C ARG A 168 -9.71 24.90 18.71
N VAL A 169 -9.15 24.39 17.60
CA VAL A 169 -8.12 23.34 17.58
C VAL A 169 -6.88 23.95 16.96
N VAL A 170 -5.74 23.88 17.69
CA VAL A 170 -4.48 24.50 17.29
C VAL A 170 -3.33 23.52 17.33
N SER A 171 -2.48 23.55 16.29
CA SER A 171 -1.20 22.84 16.24
C SER A 171 -0.15 23.81 15.68
N LEU A 172 1.10 23.64 16.11
CA LEU A 172 2.23 24.46 15.67
C LEU A 172 3.52 23.69 15.86
N ASP A 173 4.53 24.00 15.05
CA ASP A 173 5.80 23.30 15.14
C ASP A 173 6.99 24.29 15.16
N GLY A 174 6.70 25.57 15.18
CA GLY A 174 7.69 26.64 15.17
C GLY A 174 7.88 27.32 13.83
N HIS A 175 7.36 26.71 12.75
CA HIS A 175 7.43 27.21 11.37
C HIS A 175 6.07 27.58 10.79
N ARG A 176 5.01 27.07 11.43
CA ARG A 176 3.63 27.29 10.97
C ARG A 176 2.64 27.04 12.09
N ILE A 177 1.41 27.52 11.90
CA ILE A 177 0.32 27.36 12.85
C ILE A 177 -0.92 26.99 12.05
N SER A 178 -1.63 25.94 12.50
CA SER A 178 -2.90 25.49 11.93
C SER A 178 -3.97 25.67 12.98
N ILE A 179 -4.98 26.46 12.67
CA ILE A 179 -6.10 26.75 13.57
C ILE A 179 -7.42 26.48 12.87
N ARG A 180 -8.24 25.66 13.51
CA ARG A 180 -9.59 25.36 13.04
C ARG A 180 -10.59 25.82 14.07
N TYR A 181 -11.69 26.40 13.61
CA TYR A 181 -12.78 26.87 14.44
C TYR A 181 -14.01 26.09 14.11
N ILE A 182 -14.77 25.71 15.12
CA ILE A 182 -15.99 24.93 14.98
C ILE A 182 -17.05 25.60 15.82
N GLU A 183 -18.21 25.90 15.20
CA GLU A 183 -19.34 26.48 15.92
C GLU A 183 -20.23 25.32 16.32
N MSE A 184 -20.52 25.22 17.62
CA MSE A 184 -21.38 24.13 18.10
CA MSE A 184 -21.35 24.13 18.16
C MSE A 184 -22.74 24.64 18.46
O MSE A 184 -22.94 25.84 18.56
CB MSE A 184 -20.73 23.40 19.26
CB MSE A 184 -20.71 23.51 19.42
CG MSE A 184 -19.51 22.60 18.79
CG MSE A 184 -20.04 22.15 19.14
SE MSE A 184 -18.34 22.21 20.22
SE MSE A 184 -21.25 20.72 18.50
CE MSE A 184 -18.21 23.96 21.11
CE MSE A 184 -22.51 20.65 20.03
N LYS A 185 -23.71 23.72 18.55
CA LYS A 185 -25.11 24.07 18.86
C LYS A 185 -25.34 24.12 20.38
N ASN A 186 -24.35 23.74 21.18
CA ASN A 186 -24.41 23.76 22.65
C ASN A 186 -23.46 24.77 23.21
N HIS A 187 -23.75 25.25 24.42
CA HIS A 187 -22.87 26.18 25.10
C HIS A 187 -22.23 25.40 26.25
N TYR A 188 -20.92 25.57 26.38
CA TYR A 188 -20.13 24.81 27.35
C TYR A 188 -19.28 25.73 28.20
N ASP A 189 -18.81 25.22 29.36
CA ASP A 189 -17.89 25.95 30.23
C ASP A 189 -16.55 26.05 29.51
N SER A 190 -15.79 27.10 29.82
CA SER A 190 -14.48 27.29 29.21
C SER A 190 -13.54 26.14 29.58
N LYS A 191 -12.78 25.66 28.59
N LYS A 191 -12.77 25.67 28.60
CA LYS A 191 -11.81 24.59 28.72
CA LYS A 191 -11.79 24.62 28.77
C LYS A 191 -10.66 24.80 27.74
C LYS A 191 -10.66 24.81 27.76
N LYS A 192 -9.42 24.62 28.22
CA LYS A 192 -8.21 24.79 27.44
C LYS A 192 -7.25 23.66 27.81
N VAL A 193 -7.11 22.65 26.92
CA VAL A 193 -6.25 21.49 27.17
C VAL A 193 -5.38 21.18 25.95
N VAL A 194 -4.29 20.43 26.17
CA VAL A 194 -3.39 20.02 25.10
C VAL A 194 -3.41 18.49 25.08
N VAL A 195 -3.97 17.96 23.99
CA VAL A 195 -4.13 16.54 23.73
C VAL A 195 -2.89 16.04 22.98
N PRO A 196 -2.25 14.92 23.43
CA PRO A 196 -1.09 14.38 22.70
C PRO A 196 -1.42 14.07 21.24
N GLY A 197 -0.44 14.29 20.36
CA GLY A 197 -0.57 14.05 18.91
C GLY A 197 -0.89 12.61 18.61
N LYS A 198 -0.19 11.68 19.28
CA LYS A 198 -0.43 10.23 19.13
C LYS A 198 -1.90 9.85 19.44
N THR A 199 -2.54 10.48 20.43
CA THR A 199 -3.94 10.17 20.79
C THR A 199 -4.87 10.47 19.65
N LEU A 200 -4.68 11.66 19.04
CA LEU A 200 -5.45 12.14 17.91
C LEU A 200 -5.19 11.30 16.67
N GLN A 201 -3.93 10.89 16.44
CA GLN A 201 -3.59 10.03 15.29
C GLN A 201 -4.26 8.66 15.43
N GLU A 202 -4.20 8.06 16.64
CA GLU A 202 -4.78 6.73 16.87
C GLU A 202 -6.32 6.76 16.82
N ILE A 203 -6.94 7.83 17.30
CA ILE A 203 -8.38 7.93 17.32
C ILE A 203 -8.93 8.08 15.89
N SER A 204 -8.21 8.80 14.99
CA SER A 204 -8.56 8.91 13.57
C SER A 204 -8.64 7.54 12.88
N LYS A 205 -7.78 6.59 13.26
CA LYS A 205 -7.77 5.23 12.71
C LYS A 205 -8.97 4.40 13.16
N ILE A 206 -9.66 4.75 14.27
CA ILE A 206 -10.76 3.89 14.74
C ILE A 206 -12.13 4.55 14.60
N ILE A 207 -12.19 5.83 14.25
CA ILE A 207 -13.46 6.51 14.08
C ILE A 207 -13.91 6.35 12.62
N PRO A 208 -15.11 5.72 12.39
CA PRO A 208 -15.59 5.50 11.02
C PRO A 208 -15.73 6.82 10.23
N GLY A 209 -16.13 7.89 10.92
CA GLY A 209 -16.24 9.22 10.32
C GLY A 209 -17.61 9.59 9.80
N SER A 210 -18.68 8.96 10.32
CA SER A 210 -20.04 9.29 9.90
C SER A 210 -20.52 10.62 10.48
N ALA A 211 -21.24 11.39 9.66
CA ALA A 211 -21.82 12.67 10.03
C ALA A 211 -23.08 12.46 10.85
N ASP A 212 -23.62 11.24 10.81
CA ASP A 212 -24.84 10.86 11.53
C ASP A 212 -24.54 10.13 12.87
N GLU A 213 -23.27 9.87 13.19
CA GLU A 213 -22.84 9.20 14.43
C GLU A 213 -22.04 10.17 15.29
N ASP A 214 -22.27 10.16 16.61
CA ASP A 214 -21.64 11.09 17.52
C ASP A 214 -20.57 10.50 18.43
N VAL A 215 -19.68 11.37 18.88
CA VAL A 215 -18.62 11.10 19.85
C VAL A 215 -18.93 11.94 21.10
N VAL A 216 -18.93 11.31 22.29
CA VAL A 216 -19.13 12.07 23.54
C VAL A 216 -17.72 12.26 24.15
N ILE A 217 -17.38 13.50 24.46
CA ILE A 217 -16.04 13.82 24.98
C ILE A 217 -16.13 14.38 26.41
N TYR A 218 -15.25 13.91 27.31
CA TYR A 218 -15.16 14.43 28.69
C TYR A 218 -13.75 14.92 28.92
N ILE A 219 -13.61 16.12 29.46
CA ILE A 219 -12.31 16.71 29.78
C ILE A 219 -12.28 16.92 31.29
N THR A 220 -11.55 16.06 32.01
CA THR A 220 -11.50 16.11 33.48
C THR A 220 -10.05 16.25 33.96
N ASN A 221 -9.61 17.54 33.99
CA ASN A 221 -8.32 18.05 34.48
C ASN A 221 -7.08 17.47 33.79
N ASN A 222 -6.74 16.20 34.06
CA ASN A 222 -5.51 15.54 33.60
C ASN A 222 -5.78 14.55 32.50
N HIS A 223 -7.08 14.34 32.16
CA HIS A 223 -7.53 13.36 31.20
C HIS A 223 -8.61 13.85 30.24
N ILE A 224 -8.63 13.22 29.07
CA ILE A 224 -9.65 13.43 28.03
C ILE A 224 -10.18 12.04 27.74
N VAL A 225 -11.51 11.92 27.64
CA VAL A 225 -12.24 10.68 27.37
C VAL A 225 -13.11 10.89 26.13
N PHE A 226 -13.01 9.97 25.18
CA PHE A 226 -13.81 9.91 23.96
C PHE A 226 -14.67 8.66 24.01
N GLU A 227 -15.98 8.80 23.80
CA GLU A 227 -16.86 7.63 23.75
C GLU A 227 -17.63 7.60 22.46
N PHE A 228 -17.62 6.45 21.78
CA PHE A 228 -18.32 6.25 20.53
C PHE A 228 -18.60 4.76 20.38
N GLU A 229 -19.84 4.41 19.95
CA GLU A 229 -20.32 3.03 19.73
C GLU A 229 -20.08 2.23 21.01
N ASN A 230 -19.25 1.19 21.02
CA ASN A 230 -19.02 0.42 22.25
C ASN A 230 -17.57 0.55 22.75
N THR A 231 -16.94 1.69 22.42
CA THR A 231 -15.54 2.02 22.69
C THR A 231 -15.38 3.27 23.56
N THR A 232 -14.36 3.23 24.44
CA THR A 232 -13.97 4.34 25.31
C THR A 232 -12.47 4.50 25.15
N VAL A 233 -12.05 5.70 24.76
CA VAL A 233 -10.66 6.09 24.58
C VAL A 233 -10.33 7.04 25.69
N VAL A 234 -9.25 6.77 26.44
CA VAL A 234 -8.80 7.60 27.55
C VAL A 234 -7.35 8.05 27.29
N SER A 235 -7.08 9.34 27.43
CA SER A 235 -5.75 9.85 27.21
C SER A 235 -5.35 10.83 28.26
N ARG A 236 -4.06 10.81 28.62
CA ARG A 236 -3.48 11.82 29.50
C ARG A 236 -3.41 13.12 28.71
N LEU A 237 -3.35 14.25 29.40
CA LEU A 237 -3.21 15.55 28.75
C LEU A 237 -1.80 16.10 28.99
N ILE A 238 -1.32 16.99 28.12
CA ILE A 238 0.02 17.57 28.29
C ILE A 238 -0.07 18.77 29.24
N GLU A 239 0.77 18.79 30.29
CA GLU A 239 0.78 19.84 31.30
C GLU A 239 1.60 21.05 30.81
N GLY A 240 1.18 22.23 31.27
CA GLY A 240 1.86 23.48 30.93
C GLY A 240 1.05 24.53 30.21
N GLU A 241 1.56 25.77 30.22
CA GLU A 241 0.90 26.89 29.55
C GLU A 241 1.21 26.81 28.06
N TYR A 242 0.16 26.67 27.21
CA TYR A 242 0.33 26.63 25.76
C TYR A 242 0.76 28.01 25.27
N PHE A 243 1.43 28.05 24.11
CA PHE A 243 1.95 29.26 23.46
C PHE A 243 0.86 30.33 23.31
N LYS A 244 1.22 31.60 23.55
CA LYS A 244 0.30 32.72 23.36
C LYS A 244 0.32 33.04 21.88
N ILE A 245 -0.71 32.57 21.16
CA ILE A 245 -0.75 32.71 19.69
C ILE A 245 -1.68 33.83 19.22
N ASP A 246 -2.66 34.26 20.05
CA ASP A 246 -3.63 35.31 19.70
C ASP A 246 -2.95 36.64 19.32
N GLN A 247 -1.76 36.89 19.91
CA GLN A 247 -0.93 38.07 19.66
C GLN A 247 -0.37 38.10 18.22
N MSE A 248 -0.10 36.90 17.65
CA MSE A 248 0.45 36.69 16.31
C MSE A 248 -0.60 36.71 15.21
O MSE A 248 -0.22 36.74 14.03
CB MSE A 248 1.18 35.36 16.25
CG MSE A 248 2.35 35.28 17.17
SE MSE A 248 3.31 33.72 16.68
CE MSE A 248 3.16 32.68 18.43
N LEU A 249 -1.87 36.68 15.58
CA LEU A 249 -2.96 36.69 14.60
C LEU A 249 -3.38 38.15 14.38
N SER A 250 -2.36 39.01 14.15
CA SER A 250 -2.52 40.44 13.86
C SER A 250 -3.18 40.59 12.51
N SER A 251 -4.40 41.16 12.50
CA SER A 251 -5.24 41.33 11.31
C SER A 251 -4.67 42.35 10.27
N ASP A 252 -3.49 42.95 10.51
CA ASP A 252 -2.91 43.93 9.59
CA ASP A 252 -2.91 43.93 9.59
C ASP A 252 -2.13 43.21 8.49
N TYR A 253 -2.34 43.63 7.23
CA TYR A 253 -1.69 43.08 6.05
C TYR A 253 -1.48 44.19 5.01
N ASP A 254 -0.55 44.02 4.07
CA ASP A 254 -0.27 44.98 2.99
C ASP A 254 -0.65 44.40 1.62
N THR A 255 -0.87 43.07 1.56
CA THR A 255 -1.23 42.37 0.33
C THR A 255 -2.28 41.32 0.63
N LYS A 256 -3.32 41.24 -0.21
CA LYS A 256 -4.37 40.23 -0.12
C LYS A 256 -4.49 39.57 -1.50
N VAL A 257 -4.44 38.25 -1.54
CA VAL A 257 -4.51 37.50 -2.79
C VAL A 257 -5.70 36.52 -2.76
N ARG A 258 -6.57 36.59 -3.80
CA ARG A 258 -7.66 35.62 -3.98
C ARG A 258 -7.18 34.69 -5.09
N ILE A 259 -7.06 33.38 -4.83
CA ILE A 259 -6.53 32.42 -5.80
C ILE A 259 -7.32 31.12 -5.70
N ASN A 260 -7.42 30.39 -6.83
CA ASN A 260 -8.07 29.09 -6.92
C ASN A 260 -7.22 28.05 -6.13
N LYS A 261 -7.82 27.45 -5.09
CA LYS A 261 -7.16 26.53 -4.19
C LYS A 261 -6.52 25.37 -4.95
N ARG A 262 -7.28 24.70 -5.85
CA ARG A 262 -6.77 23.54 -6.61
C ARG A 262 -5.61 23.94 -7.53
N GLU A 263 -5.70 25.12 -8.20
CA GLU A 263 -4.64 25.59 -9.07
C GLU A 263 -3.33 25.84 -8.28
N LEU A 264 -3.43 26.45 -7.10
CA LEU A 264 -2.25 26.73 -6.27
C LEU A 264 -1.64 25.41 -5.79
N LEU A 265 -2.47 24.52 -5.26
CA LEU A 265 -2.05 23.20 -4.79
C LEU A 265 -1.36 22.41 -5.90
N ASP A 266 -1.99 22.30 -7.08
CA ASP A 266 -1.35 21.56 -8.20
C ASP A 266 -0.01 22.16 -8.65
N CYS A 267 0.12 23.48 -8.61
CA CYS A 267 1.35 24.12 -9.01
C CYS A 267 2.48 23.86 -8.00
N ILE A 268 2.21 24.03 -6.70
CA ILE A 268 3.21 23.83 -5.64
C ILE A 268 3.61 22.33 -5.61
N ASP A 269 2.66 21.45 -5.85
CA ASP A 269 2.91 20.01 -5.92
C ASP A 269 3.85 19.71 -7.12
N ARG A 270 3.62 20.35 -8.29
CA ARG A 270 4.48 20.20 -9.49
C ARG A 270 5.91 20.59 -9.16
N ALA A 271 6.09 21.75 -8.52
CA ALA A 271 7.39 22.27 -8.10
C ALA A 271 8.18 21.27 -7.22
N THR A 272 7.51 20.51 -6.33
CA THR A 272 8.21 19.59 -5.43
C THR A 272 8.93 18.46 -6.15
N LEU A 273 8.53 18.08 -7.38
CA LEU A 273 9.23 17.01 -8.08
C LEU A 273 10.71 17.41 -8.36
N LEU A 274 11.02 18.71 -8.38
CA LEU A 274 12.39 19.17 -8.63
C LEU A 274 13.30 19.12 -7.38
N VAL A 275 12.73 18.93 -6.18
CA VAL A 275 13.48 18.87 -4.93
C VAL A 275 13.45 17.42 -4.39
N LYS A 276 14.61 16.75 -4.38
CA LYS A 276 14.72 15.35 -3.93
C LYS A 276 15.75 15.15 -2.82
N GLU A 277 15.48 14.21 -1.89
CA GLU A 277 16.35 13.76 -0.78
C GLU A 277 17.04 14.90 -0.02
N ASP A 279 17.98 17.66 -0.99
CA ASP A 279 17.67 19.04 -1.36
C ASP A 279 16.56 19.61 -0.50
N LYS A 280 16.65 20.92 -0.25
CA LYS A 280 15.68 21.70 0.50
C LYS A 280 15.68 23.09 -0.13
N LYS A 281 14.95 23.24 -1.25
CA LYS A 281 14.88 24.52 -1.98
C LYS A 281 13.53 25.23 -1.77
N PRO A 282 13.45 26.56 -1.73
CA PRO A 282 12.14 27.19 -1.54
C PRO A 282 11.37 27.45 -2.84
N ILE A 283 10.05 27.56 -2.72
CA ILE A 283 9.25 27.99 -3.86
C ILE A 283 9.18 29.54 -3.75
N ILE A 284 9.47 30.27 -4.82
CA ILE A 284 9.45 31.75 -4.82
C ILE A 284 8.16 32.24 -5.51
N MSE A 285 7.38 33.08 -4.82
CA MSE A 285 6.17 33.67 -5.37
C MSE A 285 6.43 35.14 -5.74
O MSE A 285 6.97 35.88 -4.92
CB MSE A 285 4.99 33.59 -4.39
CG MSE A 285 4.50 32.18 -4.05
SE MSE A 285 3.10 32.36 -2.67
CE MSE A 285 2.56 30.44 -2.46
N ASN A 286 6.03 35.55 -6.93
CA ASN A 286 6.09 36.93 -7.43
C ASN A 286 4.66 37.36 -7.67
N ILE A 287 4.09 38.08 -6.72
CA ILE A 287 2.71 38.51 -6.79
C ILE A 287 2.63 39.94 -7.36
N THR A 288 1.94 40.08 -8.47
CA THR A 288 1.71 41.37 -9.13
C THR A 288 0.21 41.42 -9.42
N ASP A 289 -0.29 42.52 -10.02
CA ASP A 289 -1.70 42.69 -10.40
C ASP A 289 -2.16 41.54 -11.31
N GLY A 290 -3.21 40.85 -10.89
CA GLY A 290 -3.80 39.77 -11.68
C GLY A 290 -2.98 38.51 -11.89
N ASN A 291 -1.74 38.44 -11.35
CA ASN A 291 -0.87 37.30 -11.58
C ASN A 291 0.03 36.94 -10.41
N MSE A 292 0.17 35.63 -10.20
CA MSE A 292 1.12 35.03 -9.31
C MSE A 292 2.06 34.17 -10.13
O MSE A 292 1.63 33.27 -10.83
CB MSE A 292 0.49 34.21 -8.18
CG MSE A 292 1.55 33.60 -7.29
SE MSE A 292 0.90 32.25 -6.04
CE MSE A 292 -0.06 33.52 -4.75
N GLU A 293 3.36 34.48 -10.06
CA GLU A 293 4.41 33.71 -10.69
C GLU A 293 5.13 32.90 -9.62
N LEU A 294 5.23 31.58 -9.83
CA LEU A 294 5.91 30.64 -8.95
C LEU A 294 7.11 30.05 -9.63
N ARG A 295 8.26 30.07 -8.94
CA ARG A 295 9.52 29.50 -9.45
C ARG A 295 10.22 28.63 -8.43
N ILE A 296 10.95 27.64 -8.93
CA ILE A 296 11.78 26.76 -8.14
C ILE A 296 12.98 26.37 -9.02
N ASN A 297 14.17 26.24 -8.43
CA ASN A 297 15.45 25.92 -9.08
C ASN A 297 16.21 24.87 -8.32
N SER A 298 16.65 23.80 -8.99
CA SER A 298 17.49 22.78 -8.34
C SER A 298 18.50 22.26 -9.33
N PHE A 299 19.30 21.26 -8.93
CA PHE A 299 20.28 20.61 -9.81
C PHE A 299 19.55 19.87 -10.93
N ILE A 300 18.32 19.38 -10.66
CA ILE A 300 17.49 18.64 -11.63
C ILE A 300 17.00 19.58 -12.75
N GLY A 301 16.65 20.82 -12.40
CA GLY A 301 16.18 21.81 -13.36
C GLY A 301 15.34 22.91 -12.72
N SER A 302 14.56 23.61 -13.51
CA SER A 302 13.73 24.68 -12.97
C SER A 302 12.28 24.60 -13.45
N MSE A 303 11.43 25.34 -12.77
CA MSE A 303 10.03 25.45 -13.11
C MSE A 303 9.59 26.88 -13.04
O MSE A 303 10.01 27.61 -12.14
CB MSE A 303 9.17 24.59 -12.17
CG MSE A 303 7.73 24.48 -12.64
SE MSE A 303 6.43 24.13 -11.26
CE MSE A 303 5.10 23.92 -12.49
N ASN A 304 8.74 27.30 -13.96
CA ASN A 304 8.11 28.60 -13.93
C ASN A 304 6.61 28.41 -14.20
N GLU A 305 5.75 28.98 -13.33
CA GLU A 305 4.30 28.84 -13.51
C GLU A 305 3.59 30.15 -13.17
N ASP A 306 2.56 30.51 -13.95
CA ASP A 306 1.74 31.69 -13.72
C ASP A 306 0.33 31.26 -13.35
N ILE A 307 -0.24 31.86 -12.32
CA ILE A 307 -1.61 31.60 -11.88
C ILE A 307 -2.34 32.93 -11.85
N ASP A 308 -3.56 32.96 -12.41
CA ASP A 308 -4.42 34.15 -12.36
C ASP A 308 -4.88 34.38 -10.94
N ILE A 309 -4.78 35.62 -10.44
CA ILE A 309 -5.23 35.95 -9.08
C ILE A 309 -5.97 37.27 -9.10
N ASP A 310 -6.59 37.59 -7.96
CA ASP A 310 -7.16 38.92 -7.71
C ASP A 310 -6.36 39.44 -6.52
N LYS A 311 -5.51 40.43 -6.75
CA LYS A 311 -4.64 41.00 -5.72
C LYS A 311 -5.02 42.44 -5.37
N ASP A 312 -5.05 42.73 -4.06
CA ASP A 312 -5.25 44.06 -3.49
C ASP A 312 -4.03 44.36 -2.64
N GLY A 313 -3.50 45.57 -2.75
CA GLY A 313 -2.33 45.97 -1.99
C GLY A 313 -1.04 45.89 -2.76
N LYS A 314 0.09 45.76 -2.06
CA LYS A 314 1.42 45.79 -2.64
C LYS A 314 1.84 44.56 -3.44
N ASP A 315 2.62 44.79 -4.51
CA ASP A 315 3.33 43.71 -5.21
C ASP A 315 4.30 43.10 -4.19
N ILE A 316 4.55 41.79 -4.26
CA ILE A 316 5.44 41.17 -3.30
C ILE A 316 6.12 39.94 -3.88
N MSE A 317 7.41 39.80 -3.55
CA MSE A 317 8.19 38.60 -3.82
C MSE A 317 8.46 37.94 -2.49
O MSE A 317 9.01 38.57 -1.60
CB MSE A 317 9.45 38.88 -4.60
CG MSE A 317 10.10 37.59 -5.03
SE MSE A 317 11.65 37.86 -6.13
CE MSE A 317 12.76 38.93 -4.93
N ILE A 318 8.04 36.69 -2.31
CA ILE A 318 8.17 35.98 -1.04
C ILE A 318 8.49 34.50 -1.29
N GLY A 319 9.33 33.92 -0.42
CA GLY A 319 9.73 32.52 -0.54
C GLY A 319 9.20 31.65 0.58
N PHE A 320 8.93 30.35 0.29
CA PHE A 320 8.40 29.40 1.27
C PHE A 320 8.87 28.00 1.07
N ASN A 321 8.80 27.21 2.14
CA ASN A 321 8.98 25.76 2.09
C ASN A 321 7.68 25.22 1.44
N PRO A 322 7.77 24.61 0.22
CA PRO A 322 6.54 24.16 -0.47
C PRO A 322 5.70 23.20 0.36
N LYS A 323 6.33 22.33 1.19
CA LYS A 323 5.66 21.33 2.06
C LYS A 323 4.55 21.96 2.95
N PHE A 324 4.84 23.10 3.56
CA PHE A 324 3.93 23.81 4.46
C PHE A 324 2.64 24.27 3.72
N PHE A 325 2.76 24.70 2.47
CA PHE A 325 1.61 25.12 1.67
C PHE A 325 0.82 23.90 1.22
N ILE A 326 1.52 22.85 0.77
N ILE A 326 1.50 22.85 0.74
CA ILE A 326 0.97 21.56 0.33
CA ILE A 326 0.84 21.63 0.29
C ILE A 326 0.11 20.98 1.44
C ILE A 326 0.05 21.02 1.47
N ASP A 327 0.69 20.88 2.65
CA ASP A 327 -0.01 20.32 3.83
C ASP A 327 -1.30 21.05 4.13
N ALA A 328 -1.28 22.40 4.08
CA ALA A 328 -2.47 23.19 4.41
C ALA A 328 -3.47 23.17 3.27
N LEU A 329 -3.02 23.31 2.01
CA LEU A 329 -3.95 23.32 0.88
C LEU A 329 -4.66 21.98 0.69
N ARG A 330 -3.99 20.87 0.99
CA ARG A 330 -4.58 19.50 0.91
C ARG A 330 -5.78 19.31 1.87
N VAL A 331 -5.91 20.15 2.90
CA VAL A 331 -6.99 20.00 3.88
C VAL A 331 -7.97 21.14 3.80
N ILE A 332 -7.88 21.97 2.75
CA ILE A 332 -8.82 23.07 2.54
C ILE A 332 -9.75 22.64 1.42
N ASP A 333 -11.05 22.59 1.71
CA ASP A 333 -12.09 22.16 0.78
C ASP A 333 -12.58 23.28 -0.13
N GLU A 334 -12.45 24.56 0.27
CA GLU A 334 -12.91 25.74 -0.46
C GLU A 334 -12.34 25.81 -1.88
N GLU A 335 -13.15 26.28 -2.84
CA GLU A 335 -12.73 26.42 -4.24
C GLU A 335 -11.63 27.50 -4.35
N GLU A 336 -11.75 28.56 -3.55
CA GLU A 336 -10.80 29.65 -3.51
C GLU A 336 -10.31 29.91 -2.08
N VAL A 337 -9.08 30.44 -1.97
CA VAL A 337 -8.47 30.83 -0.70
C VAL A 337 -8.02 32.29 -0.78
N ASN A 338 -7.92 32.93 0.40
CA ASN A 338 -7.40 34.27 0.58
C ASN A 338 -6.05 34.14 1.25
N LEU A 339 -5.05 34.78 0.69
CA LEU A 339 -3.71 34.83 1.27
C LEU A 339 -3.47 36.26 1.73
N TYR A 340 -2.99 36.46 2.97
CA TYR A 340 -2.71 37.80 3.53
C TYR A 340 -1.24 37.91 3.88
N MSE A 341 -0.58 38.97 3.43
CA MSE A 341 0.84 39.17 3.74
C MSE A 341 1.13 40.59 4.08
O MSE A 341 0.40 41.50 3.67
CB MSE A 341 1.71 38.75 2.56
CG MSE A 341 1.82 37.26 2.37
SE MSE A 341 1.80 36.82 0.50
CE MSE A 341 -0.17 37.17 0.08
N VAL A 342 2.23 40.81 4.83
CA VAL A 342 2.71 42.15 5.16
C VAL A 342 3.95 42.41 4.32
N ASN A 343 4.98 41.54 4.49
CA ASN A 343 6.26 41.72 3.81
C ASN A 343 6.98 40.34 3.68
N PRO A 344 8.09 40.26 2.90
CA PRO A 344 8.75 38.95 2.68
C PRO A 344 9.34 38.26 3.91
N LYS A 345 9.39 38.93 5.04
CA LYS A 345 9.92 38.36 6.27
C LYS A 345 8.82 38.10 7.31
N ALA A 346 7.59 38.59 7.06
CA ALA A 346 6.44 38.44 7.96
C ALA A 346 5.63 37.18 7.64
N PRO A 347 4.80 36.63 8.57
CA PRO A 347 4.02 35.44 8.23
C PRO A 347 3.01 35.64 7.10
N CYS A 348 2.64 34.56 6.43
CA CYS A 348 1.57 34.57 5.44
C CYS A 348 0.38 33.85 6.08
N PHE A 349 -0.84 34.37 5.87
CA PHE A 349 -2.03 33.73 6.42
C PHE A 349 -2.95 33.24 5.34
N ILE A 350 -3.39 31.99 5.45
CA ILE A 350 -4.43 31.43 4.59
C ILE A 350 -5.68 31.47 5.43
N LYS A 351 -6.66 32.23 4.98
CA LYS A 351 -7.92 32.40 5.69
C LYS A 351 -9.08 32.22 4.75
N ASP A 352 -10.25 31.95 5.33
CA ASP A 352 -11.51 31.80 4.62
C ASP A 352 -12.39 32.95 5.05
N ASP A 353 -13.43 33.21 4.29
CA ASP A 353 -14.36 34.30 4.59
C ASP A 353 -15.26 34.01 5.77
N GLU A 354 -15.58 32.72 6.03
CA GLU A 354 -16.51 32.30 7.08
C GLU A 354 -15.88 32.07 8.47
N GLY A 355 -14.60 32.36 8.63
CA GLY A 355 -13.88 32.19 9.90
C GLY A 355 -13.70 30.76 10.36
N LYS A 356 -13.68 29.80 9.42
CA LYS A 356 -13.53 28.38 9.78
C LYS A 356 -12.06 28.00 10.05
N PHE A 357 -11.10 28.72 9.44
CA PHE A 357 -9.70 28.36 9.65
C PHE A 357 -8.73 29.51 9.46
N ILE A 358 -7.51 29.31 10.00
CA ILE A 358 -6.34 30.18 9.82
C ILE A 358 -5.12 29.30 9.72
N TYR A 359 -4.43 29.33 8.60
CA TYR A 359 -3.17 28.63 8.42
C TYR A 359 -2.09 29.71 8.30
N LEU A 360 -1.20 29.77 9.30
CA LEU A 360 -0.08 30.74 9.33
C LEU A 360 1.15 29.99 8.90
N ILE A 361 1.89 30.51 7.92
CA ILE A 361 3.11 29.87 7.43
C ILE A 361 4.21 30.92 7.47
N LEU A 362 5.36 30.60 8.07
CA LEU A 362 6.49 31.56 8.08
C LEU A 362 7.24 31.45 6.77
N PRO A 363 7.60 32.58 6.14
CA PRO A 363 8.35 32.49 4.88
C PRO A 363 9.84 32.19 5.13
N VAL A 364 10.57 31.73 4.13
CA VAL A 364 11.98 31.44 4.26
C VAL A 364 12.73 32.68 3.85
N ASN A 365 13.58 33.20 4.74
CA ASN A 365 14.33 34.42 4.46
C ASN A 365 15.52 34.08 3.51
N PHE A 366 15.18 33.70 2.25
CA PHE A 366 16.09 33.34 1.14
C PHE A 366 16.95 34.55 0.72
N GLY B 1 16.69 21.43 -33.22
CA GLY B 1 16.20 20.55 -32.15
C GLY B 1 14.73 20.17 -32.25
N MSE B 2 14.35 19.07 -31.57
CA MSE B 2 13.00 18.48 -31.52
C MSE B 2 11.93 19.40 -30.95
O MSE B 2 12.20 20.17 -30.02
CB MSE B 2 13.05 17.23 -30.62
CG MSE B 2 11.89 16.29 -30.83
SE MSE B 2 12.01 14.77 -29.64
CE MSE B 2 11.41 15.71 -28.01
N LYS B 3 10.69 19.30 -31.49
CA LYS B 3 9.50 20.02 -31.00
C LYS B 3 8.25 19.20 -31.26
N LEU B 4 7.54 18.80 -30.17
CA LEU B 4 6.32 18.00 -30.27
C LEU B 4 5.22 18.56 -29.45
N ILE B 5 3.96 18.21 -29.80
CA ILE B 5 2.74 18.54 -29.06
C ILE B 5 1.95 17.24 -28.86
N CYS B 6 1.68 16.85 -27.62
CA CYS B 6 0.96 15.61 -27.26
C CYS B 6 -0.08 15.91 -26.25
N SER B 7 -1.19 15.14 -26.24
CA SER B 7 -2.16 15.25 -25.15
C SER B 7 -1.50 14.65 -23.94
N LYS B 8 -1.70 15.24 -22.75
CA LYS B 8 -1.08 14.77 -21.52
C LYS B 8 -1.47 13.30 -21.23
N ALA B 9 -2.74 12.93 -21.47
CA ALA B 9 -3.24 11.58 -21.16
C ALA B 9 -2.53 10.54 -22.02
N ASN B 10 -2.27 10.86 -23.28
CA ASN B 10 -1.59 9.94 -24.17
C ASN B 10 -0.13 9.79 -23.77
N LEU B 11 0.48 10.90 -23.37
CA LEU B 11 1.88 10.92 -22.96
C LEU B 11 2.03 10.19 -21.65
N LEU B 12 1.05 10.35 -20.72
CA LEU B 12 1.06 9.68 -19.44
C LEU B 12 0.90 8.18 -19.60
N LYS B 13 -0.07 7.74 -20.38
CA LYS B 13 -0.26 6.31 -20.61
C LYS B 13 1.05 5.71 -21.17
N GLY B 14 1.70 6.40 -22.10
CA GLY B 14 2.94 5.94 -22.71
C GLY B 14 4.12 5.83 -21.77
N VAL B 15 4.36 6.88 -20.94
CA VAL B 15 5.50 6.85 -20.00
C VAL B 15 5.27 5.77 -18.94
N ASN B 16 4.01 5.54 -18.54
CA ASN B 16 3.63 4.52 -17.58
C ASN B 16 3.84 3.11 -18.13
N ILE B 17 3.78 2.95 -19.44
CA ILE B 17 4.02 1.64 -20.05
C ILE B 17 5.53 1.38 -20.18
N VAL B 18 6.29 2.29 -20.80
CA VAL B 18 7.71 2.08 -21.08
C VAL B 18 8.57 2.06 -19.81
N SER B 19 8.11 2.72 -18.73
CA SER B 19 8.79 2.75 -17.43
C SER B 19 9.02 1.35 -16.83
N LYS B 20 8.23 0.34 -17.24
CA LYS B 20 8.39 -1.04 -16.75
C LYS B 20 9.68 -1.70 -17.25
N ALA B 21 10.40 -1.07 -18.21
CA ALA B 21 11.66 -1.58 -18.74
C ALA B 21 12.83 -0.72 -18.26
N VAL B 22 12.53 0.28 -17.43
CA VAL B 22 13.57 1.18 -16.87
C VAL B 22 14.14 0.48 -15.61
N PRO B 23 15.47 0.23 -15.53
CA PRO B 23 16.00 -0.46 -14.34
C PRO B 23 15.75 0.30 -13.04
N THR B 24 15.31 -0.45 -12.05
CA THR B 24 14.96 -0.01 -10.69
C THR B 24 16.15 0.70 -10.00
N ARG B 25 17.32 0.05 -10.06
CA ARG B 25 18.60 0.52 -9.51
C ARG B 25 19.70 0.03 -10.42
N THR B 26 20.50 0.95 -10.98
CA THR B 26 21.56 0.59 -11.92
C THR B 26 22.75 1.55 -11.86
N THR B 27 23.91 1.05 -12.30
CA THR B 27 25.17 1.78 -12.41
C THR B 27 25.26 2.44 -13.78
N MSE B 28 24.40 2.01 -14.72
CA MSE B 28 24.29 2.51 -16.10
C MSE B 28 23.31 3.68 -16.14
O MSE B 28 22.11 3.48 -15.94
CB MSE B 28 23.84 1.38 -17.04
CG MSE B 28 24.95 0.48 -17.54
SE MSE B 28 25.90 1.28 -19.06
CE MSE B 28 26.79 -0.34 -19.81
N ALA B 29 23.80 4.89 -16.41
CA ALA B 29 23.02 6.13 -16.44
C ALA B 29 22.03 6.25 -17.62
N ILE B 30 22.45 5.99 -18.90
CA ILE B 30 21.52 6.10 -20.06
C ILE B 30 20.33 5.12 -19.91
N LEU B 31 20.51 4.01 -19.12
CA LEU B 31 19.43 3.04 -18.88
C LEU B 31 18.34 3.61 -17.96
N GLU B 32 18.65 4.67 -17.20
CA GLU B 32 17.68 5.35 -16.33
C GLU B 32 16.81 6.35 -17.14
N CYS B 33 16.97 6.40 -18.50
CA CYS B 33 16.25 7.31 -19.39
C CYS B 33 15.16 6.61 -20.22
N ILE B 34 14.21 7.44 -20.68
CA ILE B 34 13.18 7.11 -21.65
C ILE B 34 13.61 7.82 -22.94
N LEU B 35 13.67 7.09 -24.05
CA LEU B 35 13.96 7.73 -25.31
C LEU B 35 12.67 8.25 -25.98
N ILE B 36 12.71 9.49 -26.45
CA ILE B 36 11.64 10.04 -27.28
C ILE B 36 12.20 10.06 -28.70
N ASP B 37 11.68 9.20 -29.57
CA ASP B 37 12.10 9.16 -30.96
C ASP B 37 10.98 9.72 -31.83
N ALA B 38 11.19 10.92 -32.33
CA ALA B 38 10.27 11.60 -33.24
C ALA B 38 11.02 11.97 -34.52
N SER B 39 11.95 11.09 -34.98
CA SER B 39 12.77 11.33 -36.18
C SER B 39 12.03 11.05 -37.49
N ALA B 40 11.02 10.17 -37.47
CA ALA B 40 10.24 9.82 -38.65
C ALA B 40 8.86 10.53 -38.65
N ASN B 41 7.76 9.76 -38.74
CA ASN B 41 6.40 10.30 -38.76
C ASN B 41 5.58 9.85 -37.55
N GLU B 42 6.22 9.19 -36.59
CA GLU B 42 5.54 8.72 -35.38
C GLU B 42 6.28 9.16 -34.14
N ILE B 43 5.55 9.39 -33.05
CA ILE B 43 6.16 9.71 -31.77
C ILE B 43 6.28 8.40 -31.05
N LYS B 44 7.51 7.98 -30.83
CA LYS B 44 7.82 6.70 -30.21
C LYS B 44 8.51 6.92 -28.88
N LEU B 45 7.99 6.31 -27.80
CA LEU B 45 8.65 6.29 -26.50
C LEU B 45 9.32 4.97 -26.38
N MSE B 46 10.51 4.93 -25.79
CA MSE B 46 11.26 3.68 -25.69
C MSE B 46 12.08 3.60 -24.41
O MSE B 46 12.70 4.59 -24.01
CB MSE B 46 12.18 3.58 -26.91
CG MSE B 46 12.75 2.19 -27.15
SE MSE B 46 13.91 2.11 -28.80
CE MSE B 46 12.82 3.19 -30.03
N ALA B 47 12.09 2.43 -23.79
CA ALA B 47 12.94 2.09 -22.65
C ALA B 47 13.56 0.71 -22.91
N ASN B 48 14.86 0.59 -22.65
CA ASN B 48 15.57 -0.65 -22.89
C ASN B 48 16.60 -0.90 -21.81
N ASP B 49 16.55 -2.09 -21.16
CA ASP B 49 17.53 -2.47 -20.14
C ASP B 49 18.53 -3.51 -20.69
N MSE B 50 18.50 -3.77 -22.02
CA MSE B 50 19.33 -4.70 -22.81
C MSE B 50 18.77 -6.13 -22.80
O MSE B 50 19.12 -6.92 -23.68
CB MSE B 50 20.81 -4.71 -22.39
CG MSE B 50 21.47 -3.33 -22.46
SE MSE B 50 21.26 -2.40 -24.18
CE MSE B 50 22.57 -3.47 -25.23
N GLU B 51 17.94 -6.47 -21.82
CA GLU B 51 17.24 -7.75 -21.75
C GLU B 51 15.79 -7.53 -22.23
N LEU B 52 15.14 -6.51 -21.67
CA LEU B 52 13.75 -6.18 -21.97
C LEU B 52 13.66 -4.77 -22.55
N GLY B 53 13.00 -4.68 -23.70
CA GLY B 53 12.73 -3.44 -24.43
C GLY B 53 11.23 -3.22 -24.53
N ILE B 54 10.78 -1.98 -24.26
CA ILE B 54 9.38 -1.62 -24.40
C ILE B 54 9.35 -0.36 -25.26
N GLU B 55 8.45 -0.38 -26.22
CA GLU B 55 8.21 0.65 -27.22
C GLU B 55 6.73 0.94 -27.28
N THR B 56 6.37 2.21 -27.39
CA THR B 56 4.96 2.57 -27.47
C THR B 56 4.84 3.82 -28.36
N ILE B 57 3.73 3.91 -29.11
CA ILE B 57 3.47 5.01 -30.02
C ILE B 57 2.52 5.98 -29.34
N ILE B 58 2.91 7.26 -29.31
CA ILE B 58 2.13 8.35 -28.70
C ILE B 58 1.49 9.15 -29.82
N ASP B 59 0.17 9.38 -29.71
CA ASP B 59 -0.54 10.24 -30.67
C ASP B 59 -0.11 11.66 -30.37
N GLY B 60 0.19 12.40 -31.40
CA GLY B 60 0.62 13.78 -31.28
C GLY B 60 1.12 14.37 -32.58
N THR B 61 1.57 15.62 -32.52
CA THR B 61 2.04 16.38 -33.65
C THR B 61 3.54 16.59 -33.54
N ILE B 62 4.27 16.27 -34.63
CA ILE B 62 5.71 16.51 -34.75
C ILE B 62 5.86 17.83 -35.50
N GLU B 63 6.33 18.86 -34.82
CA GLU B 63 6.53 20.17 -35.39
C GLU B 63 7.93 20.28 -35.98
N GLU B 64 8.89 19.64 -35.31
CA GLU B 64 10.30 19.56 -35.67
C GLU B 64 10.81 18.19 -35.21
N ARG B 65 11.24 17.38 -36.17
CA ARG B 65 11.73 16.02 -35.97
C ARG B 65 12.97 16.02 -35.07
N GLY B 66 13.11 14.96 -34.28
CA GLY B 66 14.24 14.87 -33.37
C GLY B 66 14.15 13.73 -32.40
N ILE B 67 15.24 13.54 -31.65
CA ILE B 67 15.42 12.48 -30.67
C ILE B 67 16.05 13.06 -29.42
N ILE B 68 15.59 12.63 -28.24
CA ILE B 68 16.14 12.99 -26.93
C ILE B 68 15.90 11.83 -25.96
N ALA B 69 16.79 11.69 -24.96
CA ALA B 69 16.67 10.77 -23.83
C ALA B 69 16.47 11.62 -22.59
N LEU B 70 15.43 11.33 -21.82
CA LEU B 70 15.12 12.08 -20.59
C LEU B 70 15.10 11.12 -19.45
N ASP B 71 15.51 11.59 -18.25
CA ASP B 71 15.48 10.78 -17.04
C ASP B 71 14.06 10.26 -16.87
N ALA B 72 13.89 8.94 -16.81
CA ALA B 72 12.57 8.32 -16.70
C ALA B 72 11.78 8.80 -15.48
N LYS B 73 12.44 8.92 -14.30
CA LYS B 73 11.76 9.34 -13.08
C LYS B 73 11.28 10.77 -13.18
N ILE B 74 12.16 11.72 -13.56
CA ILE B 74 11.79 13.12 -13.67
C ILE B 74 10.73 13.33 -14.77
N PHE B 75 10.92 12.74 -15.96
CA PHE B 75 9.98 12.91 -17.06
C PHE B 75 8.59 12.36 -16.72
N SER B 76 8.50 11.16 -16.12
CA SER B 76 7.20 10.60 -15.76
C SER B 76 6.51 11.45 -14.67
N GLU B 77 7.26 11.91 -13.66
CA GLU B 77 6.69 12.73 -12.59
C GLU B 77 6.21 14.07 -13.15
N ILE B 78 6.93 14.64 -14.15
CA ILE B 78 6.52 15.89 -14.79
C ILE B 78 5.18 15.66 -15.49
N VAL B 79 5.11 14.62 -16.35
CA VAL B 79 3.95 14.30 -17.19
C VAL B 79 2.73 14.00 -16.33
N ARG B 80 2.93 13.23 -15.24
N ARG B 80 2.90 13.22 -15.28
CA ARG B 80 1.90 12.84 -14.28
CA ARG B 80 1.80 12.91 -14.40
C ARG B 80 1.32 14.02 -13.48
C ARG B 80 1.23 14.22 -13.77
N LYS B 81 2.11 15.08 -13.26
CA LYS B 81 1.69 16.26 -12.50
C LYS B 81 1.33 17.48 -13.37
N LEU B 82 1.49 17.41 -14.70
CA LEU B 82 1.09 18.50 -15.56
C LEU B 82 -0.43 18.58 -15.66
N PRO B 83 -1.00 19.78 -15.98
CA PRO B 83 -2.46 19.86 -16.19
C PRO B 83 -2.90 18.97 -17.38
N ASP B 84 -4.20 18.67 -17.47
CA ASP B 84 -4.75 17.80 -18.52
C ASP B 84 -5.03 18.59 -19.77
N ASN B 85 -3.97 18.98 -20.44
CA ASN B 85 -3.99 19.79 -21.64
C ASN B 85 -2.89 19.32 -22.56
N ASP B 86 -2.61 20.03 -23.64
CA ASP B 86 -1.55 19.63 -24.56
C ASP B 86 -0.21 19.96 -23.98
N VAL B 87 0.70 19.03 -24.10
CA VAL B 87 2.04 19.16 -23.58
C VAL B 87 2.97 19.41 -24.76
N THR B 88 3.79 20.46 -24.67
CA THR B 88 4.80 20.72 -25.67
C THR B 88 6.14 20.31 -25.08
N ILE B 89 6.92 19.59 -25.88
CA ILE B 89 8.28 19.18 -25.57
C ILE B 89 9.17 19.77 -26.65
N GLU B 90 10.12 20.61 -26.21
CA GLU B 90 11.07 21.27 -27.08
C GLU B 90 12.48 21.09 -26.54
N THR B 91 13.40 20.71 -27.43
CA THR B 91 14.82 20.54 -27.09
C THR B 91 15.69 21.41 -28.01
N ASP B 92 16.97 21.59 -27.64
CA ASP B 92 17.94 22.32 -28.44
C ASP B 92 19.20 21.44 -28.58
N ALA B 93 20.24 21.92 -29.27
CA ALA B 93 21.46 21.15 -29.54
C ALA B 93 22.24 20.80 -28.26
N SER B 94 22.14 21.65 -27.23
CA SER B 94 22.81 21.46 -25.94
C SER B 94 22.02 20.49 -25.03
N PHE B 95 20.91 19.94 -25.55
CA PHE B 95 20.01 18.96 -24.91
C PHE B 95 19.15 19.58 -23.79
N LYS B 96 19.10 20.93 -23.71
CA LYS B 96 18.22 21.62 -22.78
C LYS B 96 16.79 21.37 -23.29
N THR B 97 15.93 20.87 -22.40
CA THR B 97 14.57 20.50 -22.73
C THR B 97 13.58 21.35 -21.95
N VAL B 98 12.59 21.88 -22.68
CA VAL B 98 11.47 22.62 -22.13
C VAL B 98 10.21 21.80 -22.34
N ILE B 99 9.51 21.53 -21.25
CA ILE B 99 8.25 20.82 -21.23
C ILE B 99 7.23 21.83 -20.75
N SER B 100 6.25 22.16 -21.59
CA SER B 100 5.30 23.21 -21.24
C SER B 100 3.86 22.74 -21.44
N CYS B 101 2.97 23.25 -20.59
CA CYS B 101 1.56 22.86 -20.60
C CYS B 101 0.79 23.95 -19.90
N GLU B 102 -0.22 24.54 -20.58
CA GLU B 102 -1.04 25.64 -20.08
C GLU B 102 -0.10 26.80 -19.73
N LYS B 103 -0.07 27.22 -18.45
CA LYS B 103 0.82 28.31 -18.02
C LYS B 103 2.04 27.81 -17.20
N ALA B 104 2.32 26.51 -17.25
CA ALA B 104 3.42 25.88 -16.54
C ALA B 104 4.52 25.47 -17.50
N LYS B 105 5.77 25.58 -17.03
CA LYS B 105 6.95 25.33 -17.83
C LYS B 105 8.06 24.70 -16.99
N PHE B 106 8.66 23.62 -17.49
CA PHE B 106 9.78 22.92 -16.84
C PHE B 106 11.01 22.99 -17.71
N ASN B 107 12.16 23.35 -17.13
CA ASN B 107 13.42 23.32 -17.87
C ASN B 107 14.27 22.23 -17.26
N ILE B 108 14.61 21.20 -18.07
CA ILE B 108 15.43 20.08 -17.64
C ILE B 108 16.52 19.88 -18.70
N ILE B 109 17.47 18.97 -18.44
CA ILE B 109 18.54 18.66 -19.36
CA ILE B 109 18.55 18.66 -19.37
C ILE B 109 18.41 17.19 -19.77
N GLY B 110 18.40 16.95 -21.07
CA GLY B 110 18.31 15.61 -21.62
C GLY B 110 19.69 15.10 -22.01
N LYS B 111 19.71 13.96 -22.68
CA LYS B 111 20.92 13.30 -23.17
C LYS B 111 20.72 12.98 -24.62
N SER B 112 21.82 12.81 -25.35
CA SER B 112 21.74 12.41 -26.75
C SER B 112 21.14 11.00 -26.84
N GLY B 113 20.33 10.77 -27.87
CA GLY B 113 19.75 9.47 -28.15
C GLY B 113 20.78 8.49 -28.72
N ASP B 114 21.94 9.01 -29.20
CA ASP B 114 23.05 8.25 -29.77
C ASP B 114 23.71 7.30 -28.74
N ASP B 115 23.51 7.56 -27.43
CA ASP B 115 24.03 6.76 -26.32
C ASP B 115 23.07 5.61 -26.00
N PHE B 116 21.79 5.78 -26.40
CA PHE B 116 20.70 4.81 -26.18
C PHE B 116 20.83 3.59 -27.10
N SER B 117 20.73 2.39 -26.51
CA SER B 117 20.77 1.13 -27.25
C SER B 117 19.33 0.79 -27.65
N TYR B 118 19.00 0.95 -28.92
CA TYR B 118 17.67 0.71 -29.48
C TYR B 118 17.27 -0.74 -29.43
N ILE B 119 15.96 -0.98 -29.37
CA ILE B 119 15.43 -2.34 -29.40
C ILE B 119 15.83 -2.93 -30.75
N PRO B 120 16.49 -4.13 -30.79
CA PRO B 120 16.90 -4.67 -32.09
C PRO B 120 15.72 -5.04 -32.97
N TYR B 121 15.97 -5.10 -34.29
CA TYR B 121 14.98 -5.58 -35.24
C TYR B 121 14.84 -7.09 -35.01
N VAL B 122 13.59 -7.57 -34.98
CA VAL B 122 13.29 -8.99 -34.78
C VAL B 122 12.39 -9.40 -35.92
N GLU B 123 12.81 -10.40 -36.70
CA GLU B 123 12.02 -10.89 -37.83
C GLU B 123 10.73 -11.53 -37.31
N ARG B 124 9.60 -11.12 -37.88
N ARG B 124 9.60 -11.12 -37.87
CA ARG B 124 8.29 -11.61 -37.49
CA ARG B 124 8.30 -11.64 -37.46
C ARG B 124 7.88 -12.75 -38.41
C ARG B 124 7.88 -12.74 -38.39
N ASN B 125 7.98 -13.97 -37.90
CA ASN B 125 7.60 -15.15 -38.65
C ASN B 125 6.20 -15.51 -38.23
N GLU B 126 6.03 -16.70 -37.70
CA GLU B 126 4.78 -17.25 -37.22
C GLU B 126 4.33 -16.47 -35.98
N SER B 127 3.06 -16.09 -35.94
CA SER B 127 2.42 -15.33 -34.87
C SER B 127 1.51 -16.23 -34.05
N ILE B 128 1.48 -16.02 -32.74
CA ILE B 128 0.64 -16.74 -31.80
C ILE B 128 -0.32 -15.70 -31.18
N VAL B 129 -1.62 -15.96 -31.20
CA VAL B 129 -2.57 -15.04 -30.59
C VAL B 129 -3.17 -15.65 -29.29
N LEU B 130 -3.12 -14.88 -28.22
CA LEU B 130 -3.74 -15.18 -26.92
C LEU B 130 -4.51 -13.96 -26.48
N SER B 131 -5.59 -14.14 -25.71
CA SER B 131 -6.26 -12.95 -25.16
C SER B 131 -5.34 -12.38 -24.09
N GLN B 132 -5.47 -11.09 -23.84
CA GLN B 132 -4.75 -10.41 -22.78
C GLN B 132 -5.01 -11.16 -21.47
N PHE B 133 -6.28 -11.58 -21.24
CA PHE B 133 -6.72 -12.31 -20.06
C PHE B 133 -5.94 -13.62 -19.90
N THR B 134 -5.90 -14.44 -20.95
CA THR B 134 -5.23 -15.74 -20.93
C THR B 134 -3.74 -15.56 -20.60
N LEU B 135 -3.07 -14.57 -21.21
CA LEU B 135 -1.65 -14.37 -20.99
C LEU B 135 -1.40 -13.89 -19.57
N LYS B 136 -2.19 -12.94 -19.10
CA LYS B 136 -2.03 -12.39 -17.75
C LYS B 136 -2.32 -13.48 -16.73
N GLU B 137 -3.35 -14.28 -16.96
CA GLU B 137 -3.73 -15.35 -16.05
C GLU B 137 -2.72 -16.47 -16.00
N VAL B 138 -2.16 -16.89 -17.15
CA VAL B 138 -1.20 -17.98 -17.15
C VAL B 138 0.10 -17.54 -16.43
N ILE B 139 0.48 -16.26 -16.49
CA ILE B 139 1.66 -15.77 -15.78
C ILE B 139 1.35 -15.78 -14.26
N ARG B 140 0.15 -15.29 -13.89
CA ARG B 140 -0.23 -15.24 -12.46
C ARG B 140 -0.20 -16.67 -11.86
N GLN B 141 -0.64 -17.65 -12.64
CA GLN B 141 -0.77 -19.05 -12.29
C GLN B 141 0.54 -19.82 -12.24
N THR B 142 1.68 -19.19 -12.64
CA THR B 142 2.97 -19.89 -12.69
C THR B 142 4.17 -19.08 -12.20
N ILE B 143 4.14 -17.76 -12.31
CA ILE B 143 5.29 -16.89 -12.02
C ILE B 143 5.86 -17.02 -10.59
N PHE B 144 5.03 -17.37 -9.61
CA PHE B 144 5.44 -17.47 -8.21
C PHE B 144 6.48 -18.55 -7.95
N SER B 145 6.65 -19.56 -8.84
CA SER B 145 7.57 -20.65 -8.55
C SER B 145 8.85 -20.65 -9.40
N ILE B 146 9.26 -19.48 -9.91
CA ILE B 146 10.55 -19.31 -10.57
C ILE B 146 11.59 -19.16 -9.42
N ALA B 147 12.88 -19.44 -9.65
CA ALA B 147 13.85 -19.30 -8.57
C ALA B 147 14.04 -17.83 -8.13
N ASP B 148 14.21 -17.60 -6.82
CA ASP B 148 14.39 -16.27 -6.21
C ASP B 148 15.89 -15.83 -6.19
N ASN B 149 16.77 -16.63 -6.80
CA ASN B 149 18.21 -16.36 -6.91
C ASN B 149 18.70 -16.70 -8.34
N ASP B 150 19.94 -16.30 -8.70
CA ASP B 150 20.50 -16.53 -10.04
C ASP B 150 21.44 -17.76 -10.15
N ASN B 151 21.41 -18.70 -9.17
CA ASN B 151 22.29 -19.89 -9.16
C ASN B 151 22.14 -20.70 -10.47
N ASN B 152 20.92 -20.76 -11.02
CA ASN B 152 20.60 -21.45 -12.28
C ASN B 152 19.74 -20.49 -13.11
N LYS B 153 20.28 -20.02 -14.26
CA LYS B 153 19.64 -19.03 -15.12
C LYS B 153 18.28 -19.51 -15.65
N LEU B 154 18.18 -20.78 -16.07
CA LEU B 154 16.94 -21.35 -16.62
C LEU B 154 15.79 -21.35 -15.59
N MSE B 155 16.10 -21.57 -14.31
CA MSE B 155 15.11 -21.57 -13.22
C MSE B 155 14.53 -20.19 -12.98
O MSE B 155 13.45 -20.10 -12.40
CB MSE B 155 15.71 -22.08 -11.93
CG MSE B 155 15.84 -23.57 -11.92
SE MSE B 155 16.28 -24.27 -10.16
CE MSE B 155 17.43 -22.88 -9.29
N THR B 156 15.23 -19.12 -13.42
CA THR B 156 14.75 -17.72 -13.27
C THR B 156 13.74 -17.36 -14.37
N GLY B 157 13.60 -18.23 -15.37
CA GLY B 157 12.62 -18.01 -16.42
C GLY B 157 11.46 -18.99 -16.41
N GLU B 158 10.56 -18.86 -17.37
CA GLU B 158 9.46 -19.77 -17.58
C GLU B 158 9.54 -20.40 -18.94
N LEU B 159 9.39 -21.73 -18.99
CA LEU B 159 9.34 -22.45 -20.25
C LEU B 159 7.99 -22.17 -20.94
N PHE B 160 8.06 -21.84 -22.23
CA PHE B 160 6.89 -21.66 -23.10
C PHE B 160 7.01 -22.75 -24.18
N GLU B 161 6.09 -23.73 -24.20
CA GLU B 161 6.13 -24.84 -25.13
C GLU B 161 4.83 -24.97 -25.93
N ILE B 162 4.95 -25.01 -27.25
CA ILE B 162 3.85 -25.11 -28.20
C ILE B 162 4.05 -26.34 -29.07
N GLU B 163 2.99 -27.14 -29.20
CA GLU B 163 2.88 -28.35 -30.03
C GLU B 163 1.45 -28.35 -30.57
N GLU B 164 1.30 -28.29 -31.89
CA GLU B 164 0.02 -28.20 -32.60
C GLU B 164 -0.84 -27.06 -32.02
N ASN B 165 -1.92 -27.38 -31.29
CA ASN B 165 -2.82 -26.35 -30.71
C ASN B 165 -2.73 -26.29 -29.18
N LYS B 166 -1.62 -26.77 -28.61
CA LYS B 166 -1.46 -26.80 -27.17
C LYS B 166 -0.25 -25.97 -26.75
N LEU B 167 -0.46 -25.15 -25.72
CA LEU B 167 0.57 -24.34 -25.10
C LEU B 167 0.73 -24.82 -23.70
N ARG B 168 1.98 -24.94 -23.26
CA ARG B 168 2.31 -25.38 -21.91
C ARG B 168 3.30 -24.39 -21.33
N VAL B 169 3.00 -23.86 -20.11
CA VAL B 169 3.81 -22.88 -19.40
C VAL B 169 4.31 -23.53 -18.14
N VAL B 170 5.65 -23.51 -17.93
CA VAL B 170 6.31 -24.22 -16.82
C VAL B 170 7.26 -23.29 -16.07
N SER B 171 7.22 -23.35 -14.74
CA SER B 171 8.19 -22.73 -13.84
C SER B 171 8.58 -23.74 -12.76
N LEU B 172 9.82 -23.66 -12.27
CA LEU B 172 10.33 -24.52 -11.22
C LEU B 172 11.49 -23.84 -10.51
N ASP B 173 11.69 -24.16 -9.24
CA ASP B 173 12.76 -23.54 -8.46
C ASP B 173 13.61 -24.61 -7.73
N GLY B 174 13.35 -25.88 -8.00
CA GLY B 174 14.05 -27.01 -7.37
C GLY B 174 13.29 -27.67 -6.24
N HIS B 175 12.22 -27.00 -5.74
CA HIS B 175 11.35 -27.47 -4.66
C HIS B 175 9.92 -27.74 -5.13
N ARG B 176 9.54 -27.20 -6.29
CA ARG B 176 8.20 -27.32 -6.85
C ARG B 176 8.18 -27.04 -8.33
N ILE B 177 7.10 -27.44 -9.00
CA ILE B 177 6.89 -27.26 -10.42
C ILE B 177 5.45 -26.81 -10.62
N SER B 178 5.26 -25.72 -11.37
CA SER B 178 3.96 -25.21 -11.76
C SER B 178 3.82 -25.35 -13.26
N ILE B 179 2.80 -26.07 -13.70
CA ILE B 179 2.53 -26.32 -15.13
C ILE B 179 1.09 -25.96 -15.45
N ARG B 180 0.92 -25.11 -16.46
CA ARG B 180 -0.38 -24.76 -16.99
C ARG B 180 -0.48 -25.18 -18.44
N TYR B 181 -1.64 -25.70 -18.83
CA TYR B 181 -1.96 -26.12 -20.18
C TYR B 181 -3.06 -25.26 -20.74
N ILE B 182 -2.90 -24.86 -22.01
CA ILE B 182 -3.87 -24.03 -22.73
C ILE B 182 -4.13 -24.68 -24.07
N GLU B 183 -5.40 -24.91 -24.39
CA GLU B 183 -5.81 -25.42 -25.71
C GLU B 183 -6.15 -24.20 -26.57
N MSE B 184 -5.50 -24.08 -27.71
CA MSE B 184 -5.72 -22.94 -28.60
C MSE B 184 -6.55 -23.36 -29.80
O MSE B 184 -6.69 -24.56 -30.05
CB MSE B 184 -4.39 -22.31 -29.00
CG MSE B 184 -3.66 -21.72 -27.79
SE MSE B 184 -1.85 -21.20 -28.15
CE MSE B 184 -1.09 -22.97 -28.77
N LYS B 185 -7.15 -22.40 -30.50
CA LYS B 185 -8.03 -22.68 -31.66
C LYS B 185 -7.22 -22.71 -32.97
N ASN B 186 -5.91 -22.42 -32.91
CA ASN B 186 -5.00 -22.47 -34.04
C ASN B 186 -3.94 -23.55 -33.87
N HIS B 187 -3.39 -24.02 -35.00
CA HIS B 187 -2.30 -24.97 -34.98
CA HIS B 187 -2.30 -25.00 -35.09
C HIS B 187 -1.03 -24.23 -35.33
N TYR B 188 0.01 -24.50 -34.56
CA TYR B 188 1.28 -23.81 -34.70
C TYR B 188 2.44 -24.77 -34.82
N ASP B 189 3.57 -24.31 -35.37
CA ASP B 189 4.79 -25.11 -35.42
C ASP B 189 5.31 -25.28 -34.01
N SER B 190 6.04 -26.38 -33.76
CA SER B 190 6.60 -26.64 -32.46
C SER B 190 7.61 -25.55 -32.09
N LYS B 191 7.55 -25.13 -30.83
CA LYS B 191 8.42 -24.11 -30.24
CA LYS B 191 8.46 -24.15 -30.27
C LYS B 191 8.61 -24.43 -28.78
N LYS B 192 9.83 -24.24 -28.26
CA LYS B 192 10.21 -24.48 -26.87
C LYS B 192 11.24 -23.43 -26.48
N VAL B 193 10.84 -22.43 -25.71
CA VAL B 193 11.70 -21.32 -25.30
C VAL B 193 11.55 -21.01 -23.81
N VAL B 194 12.57 -20.34 -23.24
CA VAL B 194 12.56 -19.96 -21.83
C VAL B 194 12.60 -18.42 -21.78
N VAL B 195 11.51 -17.84 -21.31
CA VAL B 195 11.29 -16.40 -21.19
C VAL B 195 11.76 -15.96 -19.79
N PRO B 196 12.60 -14.89 -19.69
CA PRO B 196 13.02 -14.41 -18.36
C PRO B 196 11.82 -14.05 -17.47
N GLY B 197 11.95 -14.33 -16.17
CA GLY B 197 10.91 -14.06 -15.18
C GLY B 197 10.55 -12.59 -15.11
N LYS B 198 11.57 -11.72 -15.12
CA LYS B 198 11.37 -10.26 -15.10
C LYS B 198 10.49 -9.79 -16.28
N THR B 199 10.65 -10.38 -17.49
CA THR B 199 9.86 -10.01 -18.67
C THR B 199 8.38 -10.24 -18.42
N LEU B 200 8.03 -11.41 -17.89
CA LEU B 200 6.69 -11.83 -17.56
C LEU B 200 6.13 -11.02 -16.42
N GLN B 201 6.95 -10.69 -15.41
CA GLN B 201 6.48 -9.85 -14.28
C GLN B 201 6.15 -8.43 -14.76
N GLU B 202 7.02 -7.85 -15.60
CA GLU B 202 6.81 -6.48 -16.12
C GLU B 202 5.64 -6.41 -17.10
N ILE B 203 5.46 -7.46 -17.91
CA ILE B 203 4.35 -7.46 -18.87
C ILE B 203 2.98 -7.60 -18.11
N SER B 204 2.96 -8.32 -16.95
CA SER B 204 1.79 -8.43 -16.10
C SER B 204 1.28 -7.04 -15.66
N LYS B 205 2.21 -6.11 -15.39
CA LYS B 205 1.90 -4.76 -14.94
C LYS B 205 1.36 -3.83 -16.06
N ILE B 206 1.58 -4.15 -17.36
CA ILE B 206 1.12 -3.23 -18.40
C ILE B 206 -0.01 -3.80 -19.26
N ILE B 207 -0.34 -5.09 -19.09
CA ILE B 207 -1.39 -5.75 -19.84
C ILE B 207 -2.69 -5.61 -19.04
N PRO B 208 -3.70 -4.92 -19.62
CA PRO B 208 -4.97 -4.71 -18.88
C PRO B 208 -5.64 -6.02 -18.49
N GLY B 209 -5.60 -7.02 -19.38
CA GLY B 209 -6.16 -8.34 -19.10
C GLY B 209 -7.57 -8.59 -19.59
N SER B 210 -8.02 -7.85 -20.62
CA SER B 210 -9.35 -8.10 -21.17
C SER B 210 -9.38 -9.44 -21.93
N ALA B 211 -10.53 -10.14 -21.80
CA ALA B 211 -10.80 -11.40 -22.48
C ALA B 211 -11.21 -11.12 -23.94
N ASP B 212 -11.57 -9.87 -24.24
CA ASP B 212 -12.03 -9.40 -25.54
C ASP B 212 -10.88 -8.80 -26.40
N GLU B 213 -9.71 -8.54 -25.81
CA GLU B 213 -8.55 -7.95 -26.48
C GLU B 213 -7.48 -9.01 -26.62
N ASP B 214 -6.67 -8.96 -27.68
CA ASP B 214 -5.65 -9.97 -27.94
C ASP B 214 -4.21 -9.44 -27.88
N VAL B 215 -3.29 -10.38 -27.68
CA VAL B 215 -1.84 -10.19 -27.69
C VAL B 215 -1.28 -11.02 -28.85
N VAL B 216 -0.45 -10.40 -29.70
CA VAL B 216 0.20 -11.15 -30.79
C VAL B 216 1.63 -11.42 -30.33
N ILE B 217 2.04 -12.68 -30.36
CA ILE B 217 3.36 -13.07 -29.87
C ILE B 217 4.21 -13.63 -31.04
N TYR B 218 5.49 -13.23 -31.11
CA TYR B 218 6.45 -13.76 -32.09
C TYR B 218 7.63 -14.32 -31.35
N ILE B 219 8.04 -15.54 -31.70
CA ILE B 219 9.19 -16.22 -31.10
C ILE B 219 10.19 -16.44 -32.23
N THR B 220 11.22 -15.58 -32.27
CA THR B 220 12.23 -15.60 -33.32
C THR B 220 13.60 -15.73 -32.71
N ASN B 221 13.98 -17.03 -32.53
CA ASN B 221 15.24 -17.67 -32.13
C ASN B 221 15.77 -17.26 -30.75
N ASN B 222 16.22 -16.02 -30.64
CA ASN B 222 16.87 -15.46 -29.46
C ASN B 222 15.98 -14.45 -28.78
N HIS B 223 14.80 -14.17 -29.38
CA HIS B 223 13.86 -13.15 -28.92
C HIS B 223 12.40 -13.57 -28.91
N ILE B 224 11.64 -12.95 -28.02
CA ILE B 224 10.20 -13.08 -27.92
C ILE B 224 9.66 -11.64 -28.03
N VAL B 225 8.60 -11.45 -28.83
CA VAL B 225 7.94 -10.17 -29.06
C VAL B 225 6.46 -10.32 -28.71
N PHE B 226 5.94 -9.39 -27.92
CA PHE B 226 4.54 -9.27 -27.53
C PHE B 226 4.01 -7.97 -28.08
N GLU B 227 2.91 -8.02 -28.85
CA GLU B 227 2.25 -6.81 -29.35
C GLU B 227 0.84 -6.75 -28.83
N PHE B 228 0.43 -5.60 -28.34
CA PHE B 228 -0.90 -5.35 -27.81
C PHE B 228 -1.10 -3.86 -27.81
N GLU B 229 -2.29 -3.42 -28.27
CA GLU B 229 -2.74 -2.03 -28.38
C GLU B 229 -1.67 -1.25 -29.18
N ASN B 230 -0.98 -0.27 -28.59
CA ASN B 230 0.04 0.48 -29.35
C ASN B 230 1.45 0.24 -28.79
N THR B 231 1.63 -0.92 -28.14
CA THR B 231 2.85 -1.31 -27.44
C THR B 231 3.47 -2.57 -28.02
N THR B 232 4.81 -2.59 -28.01
CA THR B 232 5.66 -3.70 -28.41
C THR B 232 6.63 -3.96 -27.27
N VAL B 233 6.64 -5.18 -26.81
CA VAL B 233 7.55 -5.65 -25.78
C VAL B 233 8.46 -6.62 -26.46
N VAL B 234 9.78 -6.40 -26.33
CA VAL B 234 10.80 -7.27 -26.89
C VAL B 234 11.72 -7.80 -25.77
N SER B 235 11.93 -9.09 -25.71
CA SER B 235 12.77 -9.68 -24.67
C SER B 235 13.70 -10.70 -25.22
N ARG B 236 14.93 -10.75 -24.67
CA ARG B 236 15.90 -11.80 -24.95
C ARG B 236 15.38 -13.09 -24.35
N LEU B 237 15.78 -14.25 -24.86
CA LEU B 237 15.37 -15.53 -24.32
C LEU B 237 16.54 -16.16 -23.56
N ILE B 238 16.28 -17.07 -22.63
CA ILE B 238 17.36 -17.74 -21.90
C ILE B 238 17.85 -18.95 -22.71
N GLU B 239 19.18 -19.03 -22.93
CA GLU B 239 19.80 -20.10 -23.71
C GLU B 239 20.02 -21.35 -22.85
N GLY B 240 19.94 -22.52 -23.50
CA GLY B 240 20.15 -23.81 -22.84
C GLY B 240 18.99 -24.79 -22.89
N GLU B 241 19.29 -26.06 -22.61
CA GLU B 241 18.27 -27.11 -22.60
C GLU B 241 17.52 -27.05 -21.27
N TYR B 242 16.19 -26.84 -21.32
CA TYR B 242 15.38 -26.78 -20.09
C TYR B 242 15.30 -28.19 -19.49
N PHE B 243 15.05 -28.25 -18.19
CA PHE B 243 14.93 -29.47 -17.39
C PHE B 243 13.95 -30.48 -18.01
N LYS B 244 14.31 -31.76 -18.01
CA LYS B 244 13.43 -32.81 -18.50
C LYS B 244 12.46 -33.10 -17.38
N ILE B 245 11.23 -32.58 -17.48
CA ILE B 245 10.24 -32.68 -16.41
C ILE B 245 9.17 -33.75 -16.68
N ASP B 246 8.95 -34.13 -17.95
CA ASP B 246 7.93 -35.13 -18.34
C ASP B 246 8.14 -36.48 -17.64
N GLN B 247 9.41 -36.81 -17.31
CA GLN B 247 9.82 -38.03 -16.60
C GLN B 247 9.30 -38.05 -15.15
N MSE B 248 9.19 -36.87 -14.52
CA MSE B 248 8.76 -36.65 -13.13
C MSE B 248 7.25 -36.60 -12.98
O MSE B 248 6.75 -36.61 -11.84
CB MSE B 248 9.34 -35.35 -12.59
CG MSE B 248 10.83 -35.36 -12.51
SE MSE B 248 11.33 -33.82 -11.52
CE MSE B 248 12.82 -34.63 -10.52
N LEU B 249 6.51 -36.52 -14.09
CA LEU B 249 5.06 -36.47 -14.05
C LEU B 249 4.54 -37.90 -14.17
N SER B 250 5.11 -38.81 -13.33
CA SER B 250 4.75 -40.22 -13.22
C SER B 250 3.35 -40.31 -12.65
N SER B 251 2.42 -40.83 -13.45
CA SER B 251 0.99 -40.96 -13.13
C SER B 251 0.67 -41.98 -11.98
N ASP B 252 1.67 -42.61 -11.36
N ASP B 252 1.68 -42.61 -11.35
CA ASP B 252 1.43 -43.59 -10.30
CA ASP B 252 1.44 -43.60 -10.30
C ASP B 252 1.39 -42.95 -8.92
C ASP B 252 1.43 -43.00 -8.90
N TYR B 253 0.39 -43.32 -8.11
CA TYR B 253 0.17 -42.80 -6.74
C TYR B 253 -0.39 -43.88 -5.84
N ASP B 254 -0.28 -43.70 -4.52
CA ASP B 254 -0.80 -44.63 -3.51
C ASP B 254 -1.94 -44.00 -2.71
N THR B 255 -2.07 -42.69 -2.79
CA THR B 255 -3.10 -41.93 -2.07
C THR B 255 -3.67 -40.83 -2.97
N LYS B 256 -5.00 -40.70 -2.99
CA LYS B 256 -5.68 -39.64 -3.70
C LYS B 256 -6.62 -38.95 -2.73
N VAL B 257 -6.53 -37.63 -2.63
CA VAL B 257 -7.36 -36.84 -1.70
C VAL B 257 -8.18 -35.82 -2.47
N ARG B 258 -9.49 -35.82 -2.23
CA ARG B 258 -10.37 -34.81 -2.77
C ARG B 258 -10.69 -33.91 -1.58
N ILE B 259 -10.39 -32.59 -1.69
CA ILE B 259 -10.56 -31.65 -0.61
C ILE B 259 -11.04 -30.31 -1.17
N ASN B 260 -11.85 -29.59 -0.39
CA ASN B 260 -12.30 -28.25 -0.75
C ASN B 260 -11.08 -27.31 -0.77
N LYS B 261 -10.85 -26.63 -1.90
CA LYS B 261 -9.71 -25.76 -2.14
C LYS B 261 -9.64 -24.59 -1.12
N ARG B 262 -10.75 -23.89 -0.91
CA ARG B 262 -10.80 -22.75 0.03
C ARG B 262 -10.52 -23.19 1.46
N GLU B 263 -11.09 -24.32 1.92
CA GLU B 263 -10.84 -24.79 3.30
C GLU B 263 -9.35 -25.14 3.50
N LEU B 264 -8.71 -25.79 2.50
CA LEU B 264 -7.30 -26.14 2.60
C LEU B 264 -6.44 -24.85 2.64
N LEU B 265 -6.68 -23.95 1.70
CA LEU B 265 -5.99 -22.65 1.64
C LEU B 265 -6.16 -21.87 2.96
N ASP B 266 -7.39 -21.74 3.47
CA ASP B 266 -7.60 -20.99 4.74
C ASP B 266 -6.86 -21.61 5.93
N CYS B 267 -6.80 -22.94 5.97
CA CYS B 267 -6.16 -23.63 7.07
C CYS B 267 -4.63 -23.44 7.03
N ILE B 268 -4.00 -23.62 5.85
CA ILE B 268 -2.56 -23.49 5.69
C ILE B 268 -2.16 -22.02 5.96
N ASP B 269 -3.00 -21.09 5.53
CA ASP B 269 -2.75 -19.68 5.77
C ASP B 269 -2.80 -19.38 7.30
N ARG B 270 -3.77 -19.96 8.03
CA ARG B 270 -3.88 -19.82 9.50
C ARG B 270 -2.59 -20.30 10.19
N ALA B 271 -2.10 -21.47 9.79
CA ALA B 271 -0.88 -22.06 10.31
C ALA B 271 0.34 -21.14 10.16
N THR B 272 0.45 -20.38 9.04
CA THR B 272 1.61 -19.50 8.82
C THR B 272 1.77 -18.40 9.85
N LEU B 273 0.70 -18.00 10.56
CA LEU B 273 0.82 -16.96 11.57
C LEU B 273 1.74 -17.41 12.73
N LEU B 274 1.90 -18.73 12.94
CA LEU B 274 2.75 -19.23 14.02
C LEU B 274 4.23 -19.28 13.64
N VAL B 275 4.54 -19.15 12.36
CA VAL B 275 5.90 -19.21 11.87
C VAL B 275 6.28 -17.84 11.18
N LYS B 276 7.22 -17.11 11.81
CA LYS B 276 7.67 -15.79 11.33
C LYS B 276 9.15 -15.85 10.94
N GLU B 277 9.53 -15.10 9.88
CA GLU B 277 10.82 -14.92 9.16
C GLU B 277 12.04 -15.73 9.72
N GLY B 278 12.30 -15.65 11.03
CA GLY B 278 13.39 -16.36 11.70
C GLY B 278 13.13 -17.84 11.97
N ASP B 279 11.92 -18.32 11.58
CA ASP B 279 11.45 -19.70 11.75
C ASP B 279 11.15 -20.32 10.39
N LYS B 280 11.36 -21.62 10.30
CA LYS B 280 11.06 -22.39 9.10
C LYS B 280 10.53 -23.75 9.57
N LYS B 281 9.23 -23.79 9.92
CA LYS B 281 8.59 -25.01 10.40
C LYS B 281 7.68 -25.58 9.31
N PRO B 282 7.68 -26.90 9.05
CA PRO B 282 6.73 -27.43 8.05
C PRO B 282 5.31 -27.59 8.63
N ILE B 283 4.30 -27.59 7.76
CA ILE B 283 2.95 -27.93 8.13
C ILE B 283 2.89 -29.48 7.97
N ILE B 284 2.40 -30.19 9.00
CA ILE B 284 2.29 -31.66 8.99
C ILE B 284 0.85 -32.07 8.65
N MSE B 285 0.65 -32.90 7.62
CA MSE B 285 -0.66 -33.44 7.24
C MSE B 285 -0.76 -34.93 7.63
O MSE B 285 0.15 -35.70 7.32
CB MSE B 285 -0.92 -33.32 5.73
CG MSE B 285 -1.01 -31.89 5.16
SE MSE B 285 -1.24 -32.05 3.17
CE MSE B 285 -1.39 -30.11 2.71
N ASN B 286 -1.84 -35.31 8.32
CA ASN B 286 -2.12 -36.71 8.66
CA ASN B 286 -2.13 -36.71 8.67
C ASN B 286 -3.43 -37.03 7.94
N ILE B 287 -3.31 -37.75 6.84
CA ILE B 287 -4.43 -38.11 6.00
C ILE B 287 -4.92 -39.51 6.37
N THR B 288 -6.17 -39.60 6.79
CA THR B 288 -6.84 -40.87 7.12
C THR B 288 -8.17 -40.84 6.37
N ASP B 289 -8.99 -41.89 6.49
CA ASP B 289 -10.32 -41.98 5.87
C ASP B 289 -11.21 -40.82 6.31
N GLY B 290 -11.71 -40.08 5.33
CA GLY B 290 -12.60 -38.95 5.56
C GLY B 290 -12.04 -37.73 6.28
N ASN B 291 -10.74 -37.74 6.66
CA ASN B 291 -10.17 -36.63 7.41
C ASN B 291 -8.71 -36.34 7.10
N MSE B 292 -8.40 -35.04 7.06
CA MSE B 292 -7.06 -34.51 6.99
C MSE B 292 -6.84 -33.68 8.26
O MSE B 292 -7.58 -32.72 8.51
CB MSE B 292 -6.80 -33.68 5.73
CG MSE B 292 -5.39 -33.12 5.75
SE MSE B 292 -5.00 -31.82 4.35
CE MSE B 292 -5.00 -33.03 2.76
N GLU B 293 -5.83 -34.05 9.02
CA GLU B 293 -5.41 -33.30 10.19
C GLU B 293 -4.12 -32.55 9.86
N LEU B 294 -4.12 -31.23 10.09
CA LEU B 294 -3.00 -30.33 9.87
C LEU B 294 -2.50 -29.78 11.18
N ARG B 295 -1.18 -29.84 11.37
CA ARG B 295 -0.52 -29.32 12.58
C ARG B 295 0.70 -28.51 12.25
N ILE B 296 0.97 -27.55 13.14
CA ILE B 296 2.16 -26.76 13.13
C ILE B 296 2.42 -26.39 14.57
N ASN B 297 3.68 -26.28 14.94
CA ASN B 297 4.05 -25.82 16.29
C ASN B 297 5.31 -24.97 16.15
N SER B 298 5.44 -23.96 17.00
CA SER B 298 6.59 -23.05 17.06
C SER B 298 6.77 -22.54 18.48
N PHE B 299 7.70 -21.59 18.68
CA PHE B 299 7.91 -20.94 19.99
C PHE B 299 6.68 -20.11 20.36
N ILE B 300 5.93 -19.60 19.37
CA ILE B 300 4.71 -18.80 19.58
C ILE B 300 3.56 -19.68 20.13
N GLY B 301 3.44 -20.92 19.64
CA GLY B 301 2.41 -21.86 20.07
C GLY B 301 2.13 -22.93 19.05
N SER B 302 0.97 -23.59 19.16
CA SER B 302 0.65 -24.64 18.20
C SER B 302 -0.77 -24.50 17.62
N MSE B 303 -1.00 -25.20 16.52
CA MSE B 303 -2.27 -25.24 15.86
C MSE B 303 -2.60 -26.68 15.47
O MSE B 303 -1.74 -27.41 15.02
CB MSE B 303 -2.30 -24.33 14.62
CG MSE B 303 -3.70 -24.19 14.02
SE MSE B 303 -3.71 -23.82 12.07
CE MSE B 303 -2.97 -25.63 11.46
N ASN B 304 -3.88 -27.05 15.60
CA ASN B 304 -4.40 -28.31 15.14
C ASN B 304 -5.71 -28.04 14.37
N GLU B 305 -5.85 -28.57 13.17
CA GLU B 305 -7.07 -28.38 12.38
C GLU B 305 -7.45 -29.65 11.64
N ASP B 306 -8.76 -29.95 11.56
CA ASP B 306 -9.30 -31.09 10.83
C ASP B 306 -10.11 -30.61 9.63
N ILE B 307 -9.89 -31.23 8.47
CA ILE B 307 -10.64 -30.91 7.26
C ILE B 307 -11.25 -32.21 6.74
N ASP B 308 -12.55 -32.19 6.41
CA ASP B 308 -13.25 -33.32 5.81
C ASP B 308 -12.71 -33.56 4.39
N ILE B 309 -12.36 -34.80 4.05
CA ILE B 309 -11.85 -35.14 2.72
C ILE B 309 -12.50 -36.43 2.24
N ASP B 310 -12.27 -36.75 0.96
CA ASP B 310 -12.61 -38.04 0.35
C ASP B 310 -11.26 -38.60 -0.06
N LYS B 311 -10.80 -39.65 0.66
CA LYS B 311 -9.51 -40.27 0.42
C LYS B 311 -9.65 -41.70 -0.12
N ASP B 312 -8.85 -42.01 -1.14
CA ASP B 312 -8.71 -43.33 -1.73
C ASP B 312 -7.25 -43.72 -1.59
N GLY B 313 -6.98 -44.94 -1.18
CA GLY B 313 -5.61 -45.41 -1.03
C GLY B 313 -5.10 -45.35 0.40
N LYS B 314 -3.78 -45.31 0.57
CA LYS B 314 -3.14 -45.40 1.88
C LYS B 314 -3.27 -44.18 2.78
N ASP B 315 -3.35 -44.44 4.10
CA ASP B 315 -3.20 -43.38 5.10
C ASP B 315 -1.78 -42.83 4.96
N ILE B 316 -1.58 -41.53 5.17
CA ILE B 316 -0.24 -40.96 5.01
C ILE B 316 -0.02 -39.74 5.92
N MSE B 317 1.19 -39.66 6.49
CA MSE B 317 1.65 -38.49 7.21
C MSE B 317 2.74 -37.85 6.36
O MSE B 317 3.69 -38.53 6.00
CB MSE B 317 2.13 -38.82 8.60
CG MSE B 317 2.42 -37.52 9.38
SE MSE B 317 3.03 -37.79 11.19
CE MSE B 317 4.45 -39.13 10.90
N ILE B 318 2.57 -36.59 5.99
CA ILE B 318 3.52 -35.93 5.10
C ILE B 318 3.68 -34.45 5.52
N GLY B 319 4.89 -33.92 5.40
CA GLY B 319 5.17 -32.52 5.75
C GLY B 319 5.52 -31.66 4.56
N PHE B 320 5.22 -30.36 4.65
CA PHE B 320 5.48 -29.41 3.57
C PHE B 320 5.79 -28.02 4.07
N ASN B 321 6.46 -27.26 3.21
CA ASN B 321 6.65 -25.81 3.42
C ASN B 321 5.28 -25.19 3.10
N PRO B 322 4.62 -24.56 4.11
CA PRO B 322 3.26 -24.02 3.86
C PRO B 322 3.16 -23.05 2.68
N LYS B 323 4.23 -22.25 2.46
CA LYS B 323 4.32 -21.25 1.38
C LYS B 323 4.01 -21.84 -0.03
N PHE B 324 4.56 -23.01 -0.33
CA PHE B 324 4.39 -23.71 -1.60
C PHE B 324 2.92 -24.08 -1.89
N PHE B 325 2.19 -24.48 -0.86
CA PHE B 325 0.79 -24.82 -1.00
C PHE B 325 -0.05 -23.56 -1.16
N ILE B 326 0.22 -22.53 -0.34
CA ILE B 326 -0.49 -21.26 -0.36
C ILE B 326 -0.31 -20.64 -1.78
N ASP B 327 0.92 -20.57 -2.28
CA ASP B 327 1.18 -20.00 -3.63
C ASP B 327 0.34 -20.69 -4.70
N ALA B 328 0.29 -22.05 -4.69
CA ALA B 328 -0.46 -22.79 -5.70
C ALA B 328 -1.96 -22.69 -5.49
N LEU B 329 -2.44 -22.83 -4.24
CA LEU B 329 -3.88 -22.78 -3.98
C LEU B 329 -4.46 -21.39 -4.28
N ARG B 330 -3.71 -20.31 -4.05
CA ARG B 330 -4.12 -18.92 -4.37
CA ARG B 330 -4.22 -18.95 -4.33
C ARG B 330 -4.44 -18.71 -5.86
N VAL B 331 -3.90 -19.58 -6.75
CA VAL B 331 -4.08 -19.40 -8.19
C VAL B 331 -4.94 -20.49 -8.79
N ILE B 332 -5.60 -21.31 -7.93
CA ILE B 332 -6.51 -22.36 -8.37
C ILE B 332 -7.92 -21.87 -8.10
N ASP B 333 -8.71 -21.76 -9.17
CA ASP B 333 -10.09 -21.23 -9.11
C ASP B 333 -11.11 -22.27 -8.74
N GLU B 334 -10.81 -23.54 -9.01
CA GLU B 334 -11.66 -24.69 -8.75
C GLU B 334 -12.13 -24.77 -7.28
N GLU B 335 -13.36 -25.22 -7.06
CA GLU B 335 -13.95 -25.36 -5.71
C GLU B 335 -13.26 -26.50 -4.93
N GLU B 336 -12.87 -27.56 -5.64
CA GLU B 336 -12.21 -28.72 -5.07
C GLU B 336 -10.96 -29.07 -5.83
N VAL B 337 -10.01 -29.67 -5.14
CA VAL B 337 -8.74 -30.09 -5.75
C VAL B 337 -8.48 -31.55 -5.42
N ASN B 338 -7.68 -32.20 -6.27
CA ASN B 338 -7.23 -33.57 -6.12
C ASN B 338 -5.77 -33.56 -5.80
N LEU B 339 -5.40 -34.17 -4.67
CA LEU B 339 -4.00 -34.31 -4.25
C LEU B 339 -3.59 -35.77 -4.48
N TYR B 340 -2.45 -36.01 -5.14
CA TYR B 340 -1.95 -37.36 -5.42
C TYR B 340 -0.62 -37.54 -4.76
N MSE B 341 -0.47 -38.64 -4.00
CA MSE B 341 0.78 -38.91 -3.30
C MSE B 341 1.19 -40.32 -3.45
O MSE B 341 0.32 -41.19 -3.57
CB MSE B 341 0.61 -38.61 -1.78
CG MSE B 341 0.82 -37.16 -1.42
SE MSE B 341 -0.51 -36.48 -0.19
CE MSE B 341 -2.16 -36.89 -1.29
N VAL B 342 2.48 -40.59 -3.31
CA VAL B 342 3.00 -41.96 -3.27
C VAL B 342 3.42 -42.27 -1.85
N ASN B 343 4.35 -41.47 -1.31
CA ASN B 343 4.89 -41.66 0.02
C ASN B 343 5.40 -40.32 0.61
N PRO B 344 5.76 -40.28 1.93
CA PRO B 344 6.16 -38.99 2.55
C PRO B 344 7.43 -38.33 1.99
N LYS B 345 8.18 -39.03 1.15
CA LYS B 345 9.41 -38.49 0.57
C LYS B 345 9.25 -38.19 -0.92
N ALA B 346 8.14 -38.66 -1.55
CA ALA B 346 7.83 -38.48 -2.98
C ALA B 346 7.07 -37.17 -3.23
N PRO B 347 7.07 -36.63 -4.47
CA PRO B 347 6.31 -35.39 -4.71
C PRO B 347 4.79 -35.52 -4.51
N CYS B 348 4.14 -34.41 -4.19
CA CYS B 348 2.69 -34.36 -4.12
C CYS B 348 2.21 -33.60 -5.36
N PHE B 349 1.14 -34.06 -6.00
CA PHE B 349 0.60 -33.37 -7.18
C PHE B 349 -0.78 -32.82 -6.93
N ILE B 350 -0.98 -31.56 -7.26
CA ILE B 350 -2.29 -30.94 -7.28
C ILE B 350 -2.70 -30.93 -8.74
N LYS B 351 -3.72 -31.74 -9.09
CA LYS B 351 -4.21 -31.86 -10.46
C LYS B 351 -5.68 -31.60 -10.53
N ASP B 352 -6.16 -31.30 -11.72
CA ASP B 352 -7.58 -31.08 -11.96
C ASP B 352 -8.09 -32.15 -12.93
N ASP B 353 -9.42 -32.27 -12.99
CA ASP B 353 -10.11 -33.22 -13.85
C ASP B 353 -10.01 -32.85 -15.33
N GLU B 354 -9.92 -31.54 -15.66
CA GLU B 354 -9.92 -31.06 -17.04
C GLU B 354 -8.53 -30.95 -17.70
N GLY B 355 -7.45 -31.33 -17.00
CA GLY B 355 -6.08 -31.28 -17.50
C GLY B 355 -5.52 -29.87 -17.72
N LYS B 356 -6.05 -28.88 -17.00
CA LYS B 356 -5.61 -27.49 -17.15
C LYS B 356 -4.32 -27.21 -16.40
N PHE B 357 -4.03 -27.96 -15.30
CA PHE B 357 -2.82 -27.67 -14.53
C PHE B 357 -2.27 -28.87 -13.78
N ILE B 358 -1.00 -28.74 -13.38
CA ILE B 358 -0.27 -29.68 -12.51
C ILE B 358 0.64 -28.87 -11.62
N TYR B 359 0.41 -28.91 -10.31
CA TYR B 359 1.29 -28.27 -9.34
C TYR B 359 1.98 -29.40 -8.57
N LEU B 360 3.29 -29.53 -8.77
CA LEU B 360 4.12 -30.55 -8.09
C LEU B 360 4.82 -29.86 -6.94
N ILE B 361 4.72 -30.37 -5.73
CA ILE B 361 5.38 -29.78 -4.57
C ILE B 361 6.18 -30.90 -3.91
N LEU B 362 7.46 -30.66 -3.63
CA LEU B 362 8.27 -31.65 -2.93
C LEU B 362 7.99 -31.52 -1.44
N PRO B 363 7.80 -32.64 -0.74
CA PRO B 363 7.58 -32.56 0.70
C PRO B 363 8.89 -32.38 1.46
N VAL B 364 8.78 -32.15 2.77
CA VAL B 364 9.90 -32.03 3.67
C VAL B 364 10.51 -33.42 3.88
N ASN B 365 11.82 -33.47 3.83
CA ASN B 365 12.50 -34.73 4.08
C ASN B 365 12.82 -34.75 5.58
N PHE B 366 12.11 -35.61 6.32
CA PHE B 366 12.32 -35.76 7.76
C PHE B 366 13.47 -36.75 8.06
N ASN B 367 13.99 -37.47 7.00
CA ASN B 367 15.06 -38.50 7.03
C ASN B 367 14.67 -39.74 7.89
N THR B 368 13.34 -40.08 7.88
CA THR B 368 12.69 -41.18 8.63
C THR B 368 12.82 -40.93 10.14
C1 PGR C . -6.35 39.72 8.04
C2 PGR C . -5.34 38.62 8.41
C3 PGR C . -3.92 39.19 8.38
O1 PGR C . -7.68 39.19 7.86
O2 PGR C . -5.59 38.17 9.74
C ACT D . -14.51 20.40 10.76
O ACT D . -14.46 19.66 11.74
OXT ACT D . -15.13 20.01 9.73
CH3 ACT D . -13.80 21.74 10.85
C ACT E . -9.47 31.88 -13.60
O ACT E . -8.55 31.68 -14.38
OXT ACT E . -9.27 31.79 -12.38
CH3 ACT E . -10.84 32.22 -14.14
C1 EDO F . -4.98 5.48 30.03
O1 EDO F . -3.65 5.00 30.17
C2 EDO F . -4.91 7.00 30.18
O2 EDO F . -3.95 7.29 31.20
C1 EDO G . 0.19 3.70 19.99
O1 EDO G . -0.36 3.43 21.27
C2 EDO G . 1.62 3.18 19.89
O2 EDO G . 2.44 3.72 20.95
C1 EDO H . -16.63 0.26 28.24
O1 EDO H . -15.51 0.58 27.39
C2 EDO H . -17.87 1.03 27.81
O2 EDO H . -18.02 1.03 26.38
C1 EDO I . -12.75 5.50 33.06
O1 EDO I . -13.74 5.84 34.05
C2 EDO I . -13.35 5.56 31.66
O2 EDO I . -13.96 6.84 31.47
C1 EDO J . -12.81 30.50 20.82
O1 EDO J . -12.24 29.24 21.18
C2 EDO J . -11.70 31.47 20.44
O2 EDO J . -10.69 31.47 21.45
C1 EDO K . 0.21 2.37 16.49
O1 EDO K . 1.30 3.30 16.59
C2 EDO K . 0.45 1.43 15.33
O2 EDO K . 0.32 2.14 14.09
C1 EDO L . -3.76 46.81 7.32
O1 EDO L . -3.38 47.43 8.56
C2 EDO L . -5.15 46.18 7.44
O2 EDO L . -5.84 46.35 6.19
C1 EDO M . 7.75 42.26 -6.25
O1 EDO M . 9.13 42.50 -6.54
C2 EDO M . 6.98 42.03 -7.56
O2 EDO M . 6.87 40.63 -7.82
C1 EDO N . -21.74 5.13 24.11
O1 EDO N . -20.97 6.14 24.80
C2 EDO N . -22.13 5.57 22.71
O2 EDO N . -22.49 6.96 22.66
C1 EDO O . -13.30 16.59 2.92
O1 EDO O . -12.34 15.70 2.32
C2 EDO O . -14.47 15.80 3.48
O2 EDO O . -15.56 16.70 3.74
C1 EDO P . 0.96 38.16 25.94
O1 EDO P . 2.16 37.76 25.27
C2 EDO P . -0.24 37.50 25.26
O2 EDO P . -0.40 38.03 23.94
CL CL Q . -10.94 -0.23 12.90
C1 PGR R . -0.36 -47.83 -6.88
C2 PGR R . 1.07 -48.41 -7.03
C3 PGR R . 2.10 -47.26 -6.99
O1 PGR R . -1.29 -48.84 -6.48
O2 PGR R . 1.35 -49.35 -5.98
C ACT S . 16.15 -5.92 -26.09
O ACT S . 17.09 -5.13 -26.16
OXT ACT S . 15.10 -5.50 -25.71
CH3 ACT S . 16.24 -7.37 -26.51
C ACT T . 13.21 -3.77 -15.40
O ACT T . 12.54 -3.07 -14.64
OXT ACT T . 12.62 -4.56 -16.14
CH3 ACT T . 14.72 -3.68 -15.33
C ACT U . -17.26 -30.21 3.34
O ACT U . -16.71 -30.26 2.23
OXT ACT U . -16.59 -29.92 4.34
CH3 ACT U . -18.74 -30.53 3.47
C1 EDO V . -2.11 -38.59 -11.01
O1 EDO V . -0.72 -38.25 -11.15
C2 EDO V . -2.87 -38.40 -12.32
O2 EDO V . -4.26 -38.64 -12.15
C1 EDO W . -2.83 16.21 -30.02
O1 EDO W . -1.69 16.56 -29.23
C2 EDO W . -3.49 17.47 -30.54
O2 EDO W . -2.49 18.36 -31.05
C1 EDO X . 3.89 -0.23 -32.62
O1 EDO X . 3.29 -0.87 -31.47
C2 EDO X . 5.39 -0.02 -32.40
O2 EDO X . 5.63 0.40 -31.05
C1 EDO Y . 1.93 -29.20 -25.11
O1 EDO Y . 1.39 -30.23 -24.26
C2 EDO Y . 3.42 -29.05 -24.85
O2 EDO Y . 4.06 -30.31 -25.08
C1 EDO Z . 8.48 28.58 -23.86
O1 EDO Z . 9.43 27.91 -24.70
C2 EDO Z . 7.30 27.66 -23.57
O2 EDO Z . 6.44 28.30 -22.61
C1 EDO AA . 7.21 -7.63 -9.45
O1 EDO AA . 6.37 -7.96 -10.56
C2 EDO AA . 8.50 -7.00 -9.95
O2 EDO AA . 9.37 -6.78 -8.84
C1 EDO BA . -1.41 -13.66 -5.35
O1 EDO BA . -2.56 -13.41 -4.53
C2 EDO BA . -1.71 -14.69 -6.43
O2 EDO BA . -2.85 -14.31 -7.21
CL CL CA . 10.95 -5.36 -33.14
#